data_1IDW
# 
_entry.id   1IDW 
# 
_audit_conform.dict_name       mmcif_pdbx.dic 
_audit_conform.dict_version    5.376 
_audit_conform.dict_location   http://mmcif.pdb.org/dictionaries/ascii/mmcif_pdbx.dic 
# 
loop_
_database_2.database_id 
_database_2.database_code 
_database_2.pdbx_database_accession 
_database_2.pdbx_DOI 
PDB   1IDW         pdb_00001idw 10.2210/pdb1idw/pdb 
NDB   AH0017       ?            ?                   
RCSB  RCSB013190   ?            ?                   
WWPDB D_1000013190 ?            ?                   
# 
_pdbx_database_related.db_name        PDB 
_pdbx_database_related.db_id          1ICG 
_pdbx_database_related.details        'A fluoro-Uracil replaces the chloro-uracil at position #9' 
_pdbx_database_related.content_type   unspecified 
# 
_pdbx_database_status.status_code                     REL 
_pdbx_database_status.entry_id                        1IDW 
_pdbx_database_status.recvd_initial_deposition_date   2001-04-05 
_pdbx_database_status.deposit_site                    RCSB 
_pdbx_database_status.process_site                    RCSB 
_pdbx_database_status.SG_entry                        . 
_pdbx_database_status.pdb_format_compatible           Y 
_pdbx_database_status.status_code_mr                  ? 
_pdbx_database_status.status_code_sf                  ? 
_pdbx_database_status.status_code_cs                  ? 
_pdbx_database_status.methods_development_category    ? 
_pdbx_database_status.status_code_nmr_data            ? 
# 
loop_
_audit_author.name 
_audit_author.pdbx_ordinal 
'Cruse, W.'     1 
'Saludjian, P.' 2 
'Neuman, A.'    3 
'Prange, T.'    4 
# 
loop_
_citation.id 
_citation.title 
_citation.journal_abbrev 
_citation.journal_volume 
_citation.page_first 
_citation.page_last 
_citation.year 
_citation.journal_id_ASTM 
_citation.country 
_citation.journal_id_ISSN 
_citation.journal_id_CSD 
_citation.book_publisher 
_citation.pdbx_database_id_PubMed 
_citation.pdbx_database_id_DOI 
primary 'Destabilizing effect of a fluorouracil extra base in a hybrid RNA duplex compared with bromo and chloro analogues' 
'Acta Crystallogr.,Sect.D' 57 1609 1613 2001 ABCRE6 DK 0907-4449 0766 ? 11679725 10.1107/S0907444901012318 
1       
'Structure of a Mispaired RNA Double Helix at 1.6 A Resolution and Implications for the Prediction of RNA Secondary Structure' 
Proc.Natl.Acad.Sci.USA     91 4160 4164 1994 PNASA6 US 0027-8424 0040 ? ?        ?                         
# 
loop_
_citation_author.citation_id 
_citation_author.name 
_citation_author.ordinal 
_citation_author.identifier_ORCID 
primary 'Cruse, W.'      1  ? 
primary 'Saludjian, P.'  2  ? 
primary 'Neuman, A.'     3  ? 
primary 'Prange, T.'     4  ? 
1       'Cruse, W.'      5  ? 
1       'Saludjian, P.'  6  ? 
1       'Biala, E.'      7  ? 
1       'Strazewski, P.' 8  ? 
1       'Prange, T.'     9  ? 
1       'Kennard, O.'    10 ? 
# 
_cell.entry_id           1IDW 
_cell.length_a           53.820 
_cell.length_b           19.380 
_cell.length_c           50.300 
_cell.angle_alpha        90.00 
_cell.angle_beta         109.90 
_cell.angle_gamma        90.00 
_cell.Z_PDB              8 
_cell.pdbx_unique_axis   ? 
# 
_symmetry.entry_id                         1IDW 
_symmetry.space_group_name_H-M             'C 1 2 1' 
_symmetry.pdbx_full_space_group_name_H-M   ? 
_symmetry.cell_setting                     ? 
_symmetry.Int_Tables_number                5 
# 
loop_
_entity.id 
_entity.type 
_entity.src_method 
_entity.pdbx_description 
_entity.formula_weight 
_entity.pdbx_number_of_molecules 
_entity.pdbx_ec 
_entity.pdbx_mutation 
_entity.pdbx_fragment 
_entity.details 
1 polymer     syn "5'-R(*GP*CP*UP*UP*CP*GP*GP*C)-D(P*(UCL))-3'" 2843.149 2  ? ? ? ? 
2 non-polymer syn 'RHODIUM HEXAMINE ION'                        205.089  2  ? ? ? ? 
3 non-polymer syn 'CHLORIDE ION'                                35.453   2  ? ? ? ? 
4 water       nat water                                         18.015   46 ? ? ? ? 
# 
_entity_poly.entity_id                      1 
_entity_poly.type                           'polydeoxyribonucleotide/polyribonucleotide hybrid' 
_entity_poly.nstd_linkage                   no 
_entity_poly.nstd_monomer                   yes 
_entity_poly.pdbx_seq_one_letter_code       'GCUUCGGC(UCL)' 
_entity_poly.pdbx_seq_one_letter_code_can   GCUUCGGCU 
_entity_poly.pdbx_strand_id                 A,B 
_entity_poly.pdbx_target_identifier         ? 
# 
loop_
_entity_poly_seq.entity_id 
_entity_poly_seq.num 
_entity_poly_seq.mon_id 
_entity_poly_seq.hetero 
1 1 G   n 
1 2 C   n 
1 3 U   n 
1 4 U   n 
1 5 C   n 
1 6 G   n 
1 7 G   n 
1 8 C   n 
1 9 UCL n 
# 
_pdbx_entity_src_syn.entity_id              1 
_pdbx_entity_src_syn.pdbx_src_id            1 
_pdbx_entity_src_syn.pdbx_alt_source_flag   sample 
_pdbx_entity_src_syn.pdbx_beg_seq_num       ? 
_pdbx_entity_src_syn.pdbx_end_seq_num       ? 
_pdbx_entity_src_syn.organism_scientific    ? 
_pdbx_entity_src_syn.organism_common_name   ? 
_pdbx_entity_src_syn.ncbi_taxonomy_id       ? 
_pdbx_entity_src_syn.details                'phosphoramidite method' 
# 
_struct_ref.id                         1 
_struct_ref.entity_id                  1 
_struct_ref.db_name                    PDB 
_struct_ref.db_code                    1IDW 
_struct_ref.pdbx_db_accession          1IDW 
_struct_ref.pdbx_db_isoform            ? 
_struct_ref.pdbx_seq_one_letter_code   ? 
_struct_ref.pdbx_align_begin           ? 
# 
loop_
_struct_ref_seq.align_id 
_struct_ref_seq.ref_id 
_struct_ref_seq.pdbx_PDB_id_code 
_struct_ref_seq.pdbx_strand_id 
_struct_ref_seq.seq_align_beg 
_struct_ref_seq.pdbx_seq_align_beg_ins_code 
_struct_ref_seq.seq_align_end 
_struct_ref_seq.pdbx_seq_align_end_ins_code 
_struct_ref_seq.pdbx_db_accession 
_struct_ref_seq.db_align_beg 
_struct_ref_seq.pdbx_db_align_beg_ins_code 
_struct_ref_seq.db_align_end 
_struct_ref_seq.pdbx_db_align_end_ins_code 
_struct_ref_seq.pdbx_auth_seq_align_beg 
_struct_ref_seq.pdbx_auth_seq_align_end 
1 1 1IDW A 1 ? 9 ? 1IDW 1 ? 9 ? 1 9 
2 1 1IDW B 1 ? 9 ? 1IDW 1 ? 9 ? 1 9 
# 
loop_
_chem_comp.id 
_chem_comp.type 
_chem_comp.mon_nstd_flag 
_chem_comp.name 
_chem_comp.pdbx_synonyms 
_chem_comp.formula 
_chem_comp.formula_weight 
C   'RNA linking' y "CYTIDINE-5'-MONOPHOSPHATE"                          ? 'C9 H14 N3 O8 P'    323.197 
CL  non-polymer   . 'CHLORIDE ION'                                       ? 'Cl -1'             35.453  
G   'RNA linking' y "GUANOSINE-5'-MONOPHOSPHATE"                         ? 'C10 H14 N5 O8 P'   363.221 
HOH non-polymer   . WATER                                                ? 'H2 O'              18.015  
RHD non-polymer   . 'RHODIUM HEXAMINE ION'                               ? 'H18 N6 Rh 3'       205.089 
U   'RNA linking' y "URIDINE-5'-MONOPHOSPHATE"                           ? 'C9 H13 N2 O9 P'    324.181 
UCL 'DNA linking' n 
;5-CHLORO-2'-DEOXYURIDINE 5'-(DIHYDROGEN PHOSPHATE)
;
? 'C9 H12 Cl N2 O8 P' 342.627 
# 
_exptl.entry_id          1IDW 
_exptl.method            'X-RAY DIFFRACTION' 
_exptl.crystals_number   1 
# 
_exptl_crystal.id                    1 
_exptl_crystal.density_meas          ? 
_exptl_crystal.density_Matthews      2.18 
_exptl_crystal.density_percent_sol   43.66 
_exptl_crystal.description           ? 
# 
_exptl_crystal_grow.crystal_id      1 
_exptl_crystal_grow.method          'VAPOR DIFFUSION, SITTING DROP' 
_exptl_crystal_grow.temp            277 
_exptl_crystal_grow.temp_details    ? 
_exptl_crystal_grow.pH              6.8 
_exptl_crystal_grow.pdbx_details    
'cacodylate buffer, MPD, Rhodium-hexammine, pH 6.8, VAPOR DIFFUSION, SITTING DROP, temperature 277K' 
_exptl_crystal_grow.pdbx_pH_range   ? 
# 
loop_
_exptl_crystal_grow_comp.crystal_id 
_exptl_crystal_grow_comp.id 
_exptl_crystal_grow_comp.sol_id 
_exptl_crystal_grow_comp.name 
_exptl_crystal_grow_comp.volume 
_exptl_crystal_grow_comp.conc 
_exptl_crystal_grow_comp.details 
1 1 1 'cacodylate buffer' ? ? ? 
1 2 1 MPD                 ? ? ? 
1 3 1 rhodium-hexammine   ? ? ? 
1 4 2 MPD                 ? ? ? 
# 
_diffrn.id                     1 
_diffrn.ambient_temp           277 
_diffrn.ambient_temp_details   ? 
_diffrn.crystal_id             1 
# 
_diffrn_detector.diffrn_id              1 
_diffrn_detector.detector               DIFFRACTOMETER 
_diffrn_detector.type                   'ENRAF-NONIUS FAST' 
_diffrn_detector.pdbx_collection_date   1997-03-20 
_diffrn_detector.details                mirrors 
# 
_diffrn_radiation.diffrn_id                        1 
_diffrn_radiation.wavelength_id                    1 
_diffrn_radiation.pdbx_monochromatic_or_laue_m_l   M 
_diffrn_radiation.monochromator                    GRAPHITE 
_diffrn_radiation.pdbx_diffrn_protocol             'SINGLE WAVELENGTH' 
_diffrn_radiation.pdbx_scattering_type             x-ray 
# 
_diffrn_radiation_wavelength.id           1 
_diffrn_radiation_wavelength.wavelength   1.5418 
_diffrn_radiation_wavelength.wt           1.0 
# 
_diffrn_source.diffrn_id                   1 
_diffrn_source.source                      'ROTATING ANODE' 
_diffrn_source.type                        'ENRAF-NONIUS FR571' 
_diffrn_source.pdbx_synchrotron_site       ? 
_diffrn_source.pdbx_synchrotron_beamline   ? 
_diffrn_source.pdbx_wavelength             ? 
_diffrn_source.pdbx_wavelength_list        1.5418 
# 
_reflns.entry_id                     1IDW 
_reflns.observed_criterion_sigma_I   4 
_reflns.observed_criterion_sigma_F   2 
_reflns.d_resolution_low             6 
_reflns.d_resolution_high            1.81 
_reflns.number_obs                   3641 
_reflns.number_all                   3738 
_reflns.percent_possible_obs         97 
_reflns.pdbx_Rmerge_I_obs            0.039 
_reflns.pdbx_Rsym_value              0.041 
_reflns.pdbx_netI_over_sigmaI        18 
_reflns.B_iso_Wilson_estimate        16.4 
_reflns.pdbx_redundancy              3.5 
_reflns.R_free_details               ? 
_reflns.pdbx_diffrn_id               1 
_reflns.pdbx_ordinal                 1 
# 
_reflns_shell.d_res_high             1.8 
_reflns_shell.d_res_low              2. 
_reflns_shell.percent_possible_all   43.2 
_reflns_shell.Rmerge_I_obs           0.212 
_reflns_shell.pdbx_Rsym_value        0.206 
_reflns_shell.meanI_over_sigI_obs    3.0 
_reflns_shell.pdbx_redundancy        2.5 
_reflns_shell.percent_possible_obs   ? 
_reflns_shell.number_unique_all      517 
_reflns_shell.pdbx_diffrn_id         ? 
_reflns_shell.pdbx_ordinal           1 
# 
_refine.entry_id                                 1IDW 
_refine.ls_number_reflns_obs                     3641 
_refine.ls_number_reflns_all                     3738 
_refine.pdbx_ls_sigma_I                          4 
_refine.pdbx_ls_sigma_F                          2 
_refine.pdbx_data_cutoff_high_absF               ? 
_refine.pdbx_data_cutoff_low_absF                ? 
_refine.ls_d_res_low                             6.0 
_refine.ls_d_res_high                            1.8 
_refine.ls_percent_reflns_obs                    95 
_refine.ls_R_factor_obs                          0.172 
_refine.ls_R_factor_all                          0.176 
_refine.ls_R_factor_R_work                       0.172 
_refine.ls_R_factor_R_free                       0.202 
_refine.ls_R_factor_R_free_error                 ? 
_refine.ls_R_factor_R_free_error_details         ? 
_refine.ls_percent_reflns_R_free                 ? 
_refine.ls_number_reflns_R_free                  311 
_refine.ls_number_parameters                     ? 
_refine.ls_number_restraints                     ? 
_refine.occupancy_min                            ? 
_refine.occupancy_max                            ? 
_refine.B_iso_mean                               18.4 
_refine.aniso_B[1][1]                            ? 
_refine.aniso_B[2][2]                            ? 
_refine.aniso_B[3][3]                            ? 
_refine.aniso_B[1][2]                            ? 
_refine.aniso_B[1][3]                            ? 
_refine.aniso_B[2][3]                            ? 
_refine.solvent_model_details                    ? 
_refine.solvent_model_param_ksol                 ? 
_refine.solvent_model_param_bsol                 ? 
_refine.pdbx_ls_cross_valid_method               THROUGHOUT 
_refine.details                                  
;Chloro-uracil 9 B disordered at the C2 position. 
Refined as two-component 1:1 static orientations 
paired to their symmetry-related mates. 
The two rhodium atoms are refined anisotropically. 
One chlorine atom is disordered.
;
_refine.pdbx_starting_model                      'PDB ENTRY 165D' 
_refine.pdbx_method_to_determine_struct          'FOURIER SYNTHESIS' 
_refine.pdbx_isotropic_thermal_model             isotropic 
_refine.pdbx_stereochemistry_target_values       'personal dictionary from small molecules' 
_refine.pdbx_stereochem_target_val_spec_case     ? 
_refine.pdbx_R_Free_selection_details            RANDOM 
_refine.pdbx_overall_ESU_R_Free                  ? 
_refine.overall_SU_B                             ? 
_refine.ls_redundancy_reflns_obs                 ? 
_refine.correlation_coeff_Fo_to_Fc               ? 
_refine.correlation_coeff_Fo_to_Fc_free          ? 
_refine.overall_SU_R_Cruickshank_DPI             ? 
_refine.overall_SU_R_free                        ? 
_refine.overall_SU_ML                            ? 
_refine.pdbx_overall_ESU_R                       ? 
_refine.pdbx_data_cutoff_high_rms_absF           ? 
_refine.pdbx_refine_id                           'X-RAY DIFFRACTION' 
_refine.pdbx_diffrn_id                           1 
_refine.pdbx_TLS_residual_ADP_flag               ? 
_refine.pdbx_solvent_vdw_probe_radii             ? 
_refine.pdbx_solvent_ion_probe_radii             ? 
_refine.pdbx_solvent_shrinkage_radii             ? 
_refine.pdbx_overall_phase_error                 ? 
_refine.pdbx_overall_SU_R_free_Cruickshank_DPI   ? 
_refine.pdbx_overall_SU_R_Blow_DPI               ? 
_refine.pdbx_overall_SU_R_free_Blow_DPI          ? 
# 
_refine_hist.pdbx_refine_id                   'X-RAY DIFFRACTION' 
_refine_hist.cycle_id                         LAST 
_refine_hist.pdbx_number_atoms_protein        0 
_refine_hist.pdbx_number_atoms_nucleic_acid   389 
_refine_hist.pdbx_number_atoms_ligand         20 
_refine_hist.number_atoms_solvent             46 
_refine_hist.number_atoms_total               455 
_refine_hist.d_res_high                       1.8 
_refine_hist.d_res_low                        6.0 
# 
loop_
_refine_ls_restr.type 
_refine_ls_restr.dev_ideal 
_refine_ls_restr.dev_ideal_target 
_refine_ls_restr.weight 
_refine_ls_restr.number 
_refine_ls_restr.pdbx_refine_id 
_refine_ls_restr.pdbx_restraint_function 
s_bond_d              0.011 ? ? ? 'X-RAY DIFFRACTION' ? 
s_angle_d             0.032 ? ? ? 'X-RAY DIFFRACTION' ? 
s_non_zero_chiral_vol 0.097 ? ? ? 'X-RAY DIFFRACTION' ? 
s_from_restr_planes   0.071 ? ? ? 'X-RAY DIFFRACTION' ? 
# 
loop_
_refine_ls_shell.pdbx_total_number_of_bins_used 
_refine_ls_shell.d_res_high 
_refine_ls_shell.d_res_low 
_refine_ls_shell.number_reflns_R_work 
_refine_ls_shell.R_factor_R_work 
_refine_ls_shell.percent_reflns_obs 
_refine_ls_shell.R_factor_R_free 
_refine_ls_shell.R_factor_R_free_error 
_refine_ls_shell.percent_reflns_R_free 
_refine_ls_shell.number_reflns_R_free 
_refine_ls_shell.redundancy_reflns_obs 
_refine_ls_shell.pdbx_refine_id 
_refine_ls_shell.number_reflns_all 
_refine_ls_shell.R_factor_all 
. 1.8 2.0 . 0.169 43.2 0.21  0.02 . 40 . 'X-RAY DIFFRACTION' . . 
. 2.0 2.3 . 0.164 98.5 0.191 0.02 . 93 . 'X-RAY DIFFRACTION' . . 
. 2.3 2.7 . 0.176 98.7 0.211 0.02 . 80 . 'X-RAY DIFFRACTION' . . 
. 2.7 3.5 . 0.168 96.8 0.187 0.02 . 69 . 'X-RAY DIFFRACTION' . . 
. 3.5 6.0 . 0.195 76.5 0.19  0.02 . 30 . 'X-RAY DIFFRACTION' . . 
# 
_struct.entry_id                  1IDW 
_struct.title                     'STRUCTURE OF THE HYBRID RNA/DNA R-GCUUCGGC-D[CL]U IN PRESENCE OF RH(NH3)6+++' 
_struct.pdbx_model_details        ? 
_struct.pdbx_CASP_flag            ? 
_struct.pdbx_model_type_details   ? 
# 
_struct_keywords.entry_id        1IDW 
_struct_keywords.pdbx_keywords   DNA/RNA 
_struct_keywords.text            'RNA/DNA HYBRID, RHODIUM HEXAMMINE, C-U MISMATCH, G-U MISMATCH, DNA-RNA COMPLEX' 
# 
loop_
_struct_asym.id 
_struct_asym.pdbx_blank_PDB_chainid_flag 
_struct_asym.pdbx_modified 
_struct_asym.entity_id 
_struct_asym.details 
A N N 1 ? 
B N N 1 ? 
C N N 2 ? 
D N N 2 ? 
E N N 3 ? 
F N N 3 ? 
G N N 4 ? 
H N N 4 ? 
# 
_struct_biol.id                    1 
_struct_biol.details               'The second strand of the dimer is not symmetric' 
_struct_biol.pdbx_parent_biol_id   ? 
# 
loop_
_struct_conn.id 
_struct_conn.conn_type_id 
_struct_conn.pdbx_leaving_atom_flag 
_struct_conn.pdbx_PDB_id 
_struct_conn.ptnr1_label_asym_id 
_struct_conn.ptnr1_label_comp_id 
_struct_conn.ptnr1_label_seq_id 
_struct_conn.ptnr1_label_atom_id 
_struct_conn.pdbx_ptnr1_label_alt_id 
_struct_conn.pdbx_ptnr1_PDB_ins_code 
_struct_conn.pdbx_ptnr1_standard_comp_id 
_struct_conn.ptnr1_symmetry 
_struct_conn.ptnr2_label_asym_id 
_struct_conn.ptnr2_label_comp_id 
_struct_conn.ptnr2_label_seq_id 
_struct_conn.ptnr2_label_atom_id 
_struct_conn.pdbx_ptnr2_label_alt_id 
_struct_conn.pdbx_ptnr2_PDB_ins_code 
_struct_conn.ptnr1_auth_asym_id 
_struct_conn.ptnr1_auth_comp_id 
_struct_conn.ptnr1_auth_seq_id 
_struct_conn.ptnr2_auth_asym_id 
_struct_conn.ptnr2_auth_comp_id 
_struct_conn.ptnr2_auth_seq_id 
_struct_conn.ptnr2_symmetry 
_struct_conn.pdbx_ptnr3_label_atom_id 
_struct_conn.pdbx_ptnr3_label_seq_id 
_struct_conn.pdbx_ptnr3_label_comp_id 
_struct_conn.pdbx_ptnr3_label_asym_id 
_struct_conn.pdbx_ptnr3_label_alt_id 
_struct_conn.pdbx_ptnr3_PDB_ins_code 
_struct_conn.details 
_struct_conn.pdbx_dist_value 
_struct_conn.pdbx_value_order 
_struct_conn.pdbx_role 
covale1  covale both ? A C 8 "O3'" ? ? ? 1_555 A UCL 9 P  ? ? A C 8 A UCL 9 1_555 ? ? ? ? ? ? ?             1.589 ? ? 
covale2  covale both ? B C 8 "O3'" ? ? ? 1_555 B UCL 9 P  A ? B C 8 B UCL 9 1_555 ? ? ? ? ? ? ?             1.591 ? ? 
covale3  covale both ? B C 8 "O3'" ? ? ? 1_555 B UCL 9 P  B ? B C 8 B UCL 9 1_555 ? ? ? ? ? ? ?             1.559 ? ? 
hydrog1  hydrog ?    ? A G 1 N1    ? ? ? 1_555 B C   8 N3 ? ? A G 1 B C   8 1_555 ? ? ? ? ? ? WATSON-CRICK  ?     ? ? 
hydrog2  hydrog ?    ? A G 1 N2    ? ? ? 1_555 B C   8 O2 ? ? A G 1 B C   8 1_555 ? ? ? ? ? ? WATSON-CRICK  ?     ? ? 
hydrog3  hydrog ?    ? A G 1 O6    ? ? ? 1_555 B C   8 N4 ? ? A G 1 B C   8 1_555 ? ? ? ? ? ? WATSON-CRICK  ?     ? ? 
hydrog4  hydrog ?    ? A C 2 N3    ? ? ? 1_555 B G   7 N1 ? ? A C 2 B G   7 1_555 ? ? ? ? ? ? WATSON-CRICK  ?     ? ? 
hydrog5  hydrog ?    ? A C 2 N4    ? ? ? 1_555 B G   7 O6 ? ? A C 2 B G   7 1_555 ? ? ? ? ? ? WATSON-CRICK  ?     ? ? 
hydrog6  hydrog ?    ? A C 2 O2    ? ? ? 1_555 B G   7 N2 ? ? A C 2 B G   7 1_555 ? ? ? ? ? ? WATSON-CRICK  ?     ? ? 
hydrog7  hydrog ?    ? A U 3 N3    ? ? ? 1_555 B G   6 O6 ? ? A U 3 B G   6 1_555 ? ? ? ? ? ? TYPE_28_PAIR  ?     ? ? 
hydrog8  hydrog ?    ? A U 3 O2    ? ? ? 1_555 B G   6 N1 ? ? A U 3 B G   6 1_555 ? ? ? ? ? ? TYPE_28_PAIR  ?     ? ? 
hydrog9  hydrog ?    ? A U 4 O4    ? ? ? 1_555 B C   5 N4 ? ? A U 4 B C   5 1_555 ? ? ? ? ? ? 'U-C MISPAIR' ?     ? ? 
hydrog10 hydrog ?    ? A C 5 N4    ? ? ? 1_555 B U   4 O4 ? ? A C 5 B U   4 1_555 ? ? ? ? ? ? 'C-U MISPAIR' ?     ? ? 
hydrog11 hydrog ?    ? A G 6 N1    ? ? ? 1_555 B U   3 O2 ? ? A G 6 B U   3 1_555 ? ? ? ? ? ? TYPE_28_PAIR  ?     ? ? 
hydrog12 hydrog ?    ? A G 6 O6    ? ? ? 1_555 B U   3 N3 ? ? A G 6 B U   3 1_555 ? ? ? ? ? ? TYPE_28_PAIR  ?     ? ? 
hydrog13 hydrog ?    ? A G 7 N1    ? ? ? 1_555 B C   2 N3 ? ? A G 7 B C   2 1_555 ? ? ? ? ? ? WATSON-CRICK  ?     ? ? 
hydrog14 hydrog ?    ? A G 7 N2    ? ? ? 1_555 B C   2 O2 ? ? A G 7 B C   2 1_555 ? ? ? ? ? ? WATSON-CRICK  ?     ? ? 
hydrog15 hydrog ?    ? A G 7 O6    ? ? ? 1_555 B C   2 N4 ? ? A G 7 B C   2 1_555 ? ? ? ? ? ? WATSON-CRICK  ?     ? ? 
hydrog16 hydrog ?    ? A C 8 N3    ? ? ? 1_555 B G   1 N1 ? ? A C 8 B G   1 1_555 ? ? ? ? ? ? WATSON-CRICK  ?     ? ? 
hydrog17 hydrog ?    ? A C 8 N4    ? ? ? 1_555 B G   1 O6 ? ? A C 8 B G   1 1_555 ? ? ? ? ? ? WATSON-CRICK  ?     ? ? 
hydrog18 hydrog ?    ? A C 8 O2    ? ? ? 1_555 B G   1 N2 ? ? A C 8 B G   1 1_555 ? ? ? ? ? ? WATSON-CRICK  ?     ? ? 
# 
loop_
_struct_conn_type.id 
_struct_conn_type.criteria 
_struct_conn_type.reference 
covale ? ? 
hydrog ? ? 
# 
loop_
_struct_site.id 
_struct_site.pdbx_evidence_code 
_struct_site.pdbx_auth_asym_id 
_struct_site.pdbx_auth_comp_id 
_struct_site.pdbx_auth_seq_id 
_struct_site.pdbx_auth_ins_code 
_struct_site.pdbx_num_residues 
_struct_site.details 
AC1 Software A RHD 11 ? 4 'BINDING SITE FOR RESIDUE RHD A 11' 
AC2 Software A RHD 12 ? 5 'BINDING SITE FOR RESIDUE RHD A 12' 
# 
loop_
_struct_site_gen.id 
_struct_site_gen.site_id 
_struct_site_gen.pdbx_num_res 
_struct_site_gen.label_comp_id 
_struct_site_gen.label_asym_id 
_struct_site_gen.label_seq_id 
_struct_site_gen.pdbx_auth_ins_code 
_struct_site_gen.auth_comp_id 
_struct_site_gen.auth_asym_id 
_struct_site_gen.auth_seq_id 
_struct_site_gen.label_atom_id 
_struct_site_gen.label_alt_id 
_struct_site_gen.symmetry 
_struct_site_gen.details 
1 AC1 4 C   A 5 ? C   A 5   . ? 1_555 ? 
2 AC1 4 G   A 6 ? G   A 6   . ? 1_555 ? 
3 AC1 4 G   A 7 ? G   A 7   . ? 1_555 ? 
4 AC1 4 HOH G . ? HOH A 106 . ? 1_555 ? 
5 AC2 5 C   A 5 ? C   A 5   . ? 4_546 ? 
6 AC2 5 G   A 7 ? G   A 7   . ? 1_545 ? 
7 AC2 5 C   A 8 ? C   A 8   . ? 1_545 ? 
8 AC2 5 C   B 5 ? C   B 5   . ? 4_546 ? 
9 AC2 5 HOH H . ? HOH B 126 . ? 4_546 ? 
# 
_atom_sites.entry_id                    1IDW 
_atom_sites.fract_transf_matrix[1][1]   -0.00476467 
_atom_sites.fract_transf_matrix[1][2]   0.00476537 
_atom_sites.fract_transf_matrix[1][3]   0.01857538 
_atom_sites.fract_transf_matrix[2][1]   -0.00779096 
_atom_sites.fract_transf_matrix[2][2]   0.04889185 
_atom_sites.fract_transf_matrix[2][3]   -0.01454125 
_atom_sites.fract_transf_matrix[3][1]   -0.02079427 
_atom_sites.fract_transf_matrix[3][2]   -0.00243707 
_atom_sites.fract_transf_matrix[3][3]   0.00294711 
_atom_sites.fract_transf_vector[1]      0.081929 
_atom_sites.fract_transf_vector[2]      0.107191 
_atom_sites.fract_transf_vector[3]      0.304294 
# 
loop_
_atom_type.symbol 
C  
CL 
N  
O  
P  
RH 
# 
loop_
_atom_site.group_PDB 
_atom_site.id 
_atom_site.type_symbol 
_atom_site.label_atom_id 
_atom_site.label_alt_id 
_atom_site.label_comp_id 
_atom_site.label_asym_id 
_atom_site.label_entity_id 
_atom_site.label_seq_id 
_atom_site.pdbx_PDB_ins_code 
_atom_site.Cartn_x 
_atom_site.Cartn_y 
_atom_site.Cartn_z 
_atom_site.occupancy 
_atom_site.B_iso_or_equiv 
_atom_site.pdbx_formal_charge 
_atom_site.auth_seq_id 
_atom_site.auth_comp_id 
_atom_site.auth_asym_id 
_atom_site.auth_atom_id 
_atom_site.pdbx_PDB_model_num 
ATOM   1   O  "O5'" . G   A 1 1 ? 9.938   -0.862  -7.777  1.00 56.91 ? 1   G   A "O5'" 1 
ATOM   2   C  "C5'" . G   A 1 1 ? 10.636  -1.616  -8.807  1.00 43.09 ? 1   G   A "C5'" 1 
ATOM   3   C  "C4'" . G   A 1 1 ? 11.000  -2.938  -8.166  1.00 39.43 ? 1   G   A "C4'" 1 
ATOM   4   O  "O4'" . G   A 1 1 ? 12.131  -2.762  -7.336  1.00 39.02 ? 1   G   A "O4'" 1 
ATOM   5   C  "C3'" . G   A 1 1 ? 9.916   -3.517  -7.253  1.00 30.69 ? 1   G   A "C3'" 1 
ATOM   6   O  "O3'" . G   A 1 1 ? 8.971   -4.343  -7.948  1.00 36.18 ? 1   G   A "O3'" 1 
ATOM   7   C  "C2'" . G   A 1 1 ? 10.707  -4.272  -6.195  1.00 24.61 ? 1   G   A "C2'" 1 
ATOM   8   O  "O2'" . G   A 1 1 ? 10.996  -5.593  -6.605  1.00 29.12 ? 1   G   A "O2'" 1 
ATOM   9   C  "C1'" . G   A 1 1 ? 11.953  -3.430  -6.068  1.00 32.29 ? 1   G   A "C1'" 1 
ATOM   10  N  N9    . G   A 1 1 ? 11.782  -2.453  -4.979  1.00 30.35 ? 1   G   A N9    1 
ATOM   11  C  C8    . G   A 1 1 ? 11.731  -1.089  -5.112  1.00 28.73 ? 1   G   A C8    1 
ATOM   12  N  N7    . G   A 1 1 ? 11.561  -0.454  -3.974  1.00 25.71 ? 1   G   A N7    1 
ATOM   13  C  C5    . G   A 1 1 ? 11.517  -1.484  -3.042  1.00 27.79 ? 1   G   A C5    1 
ATOM   14  C  C6    . G   A 1 1 ? 11.354  -1.423  -1.616  1.00 29.55 ? 1   G   A C6    1 
ATOM   15  O  O6    . G   A 1 1 ? 11.230  -0.409  -0.952  1.00 31.70 ? 1   G   A O6    1 
ATOM   16  N  N1    . G   A 1 1 ? 11.335  -2.648  -1.000  1.00 26.16 ? 1   G   A N1    1 
ATOM   17  C  C2    . G   A 1 1 ? 11.478  -3.816  -1.717  1.00 28.92 ? 1   G   A C2    1 
ATOM   18  N  N2    . G   A 1 1 ? 11.432  -4.913  -0.951  1.00 24.76 ? 1   G   A N2    1 
ATOM   19  N  N3    . G   A 1 1 ? 11.637  -3.917  -3.032  1.00 30.52 ? 1   G   A N3    1 
ATOM   20  C  C4    . G   A 1 1 ? 11.642  -2.714  -3.636  1.00 30.11 ? 1   G   A C4    1 
ATOM   21  P  P     . C   A 1 2 ? 7.425   -4.357  -7.460  1.00 31.91 ? 2   C   A P     1 
ATOM   22  O  OP1   . C   A 1 2 ? 6.730   -5.058  -8.565  1.00 44.99 ? 2   C   A OP1   1 
ATOM   23  O  OP2   . C   A 1 2 ? 6.927   -2.966  -7.237  1.00 24.54 ? 2   C   A OP2   1 
ATOM   24  O  "O5'" . C   A 1 2 ? 7.477   -5.177  -6.087  1.00 19.40 ? 2   C   A "O5'" 1 
ATOM   25  C  "C5'" . C   A 1 2 ? 7.608   -6.628  -6.129  1.00 18.85 ? 2   C   A "C5'" 1 
ATOM   26  C  "C4'" . C   A 1 2 ? 7.681   -7.047  -4.683  1.00 21.65 ? 2   C   A "C4'" 1 
ATOM   27  O  "O4'" . C   A 1 2 ? 8.666   -6.278  -4.016  1.00 17.80 ? 2   C   A "O4'" 1 
ATOM   28  C  "C3'" . C   A 1 2 ? 6.400   -6.783  -3.876  1.00 16.56 ? 2   C   A "C3'" 1 
ATOM   29  O  "O3'" . C   A 1 2 ? 5.383   -7.782  -4.069  1.00 14.45 ? 2   C   A "O3'" 1 
ATOM   30  C  "C2'" . C   A 1 2 ? 6.936   -6.694  -2.459  1.00 15.62 ? 2   C   A "C2'" 1 
ATOM   31  O  "O2'" . C   A 1 2 ? 7.134   -7.992  -1.940  1.00 17.87 ? 2   C   A "O2'" 1 
ATOM   32  C  "C1'" . C   A 1 2 ? 8.270   -6.012  -2.652  1.00 21.42 ? 2   C   A "C1'" 1 
ATOM   33  N  N1    . C   A 1 2 ? 8.191   -4.566  -2.396  1.00 20.00 ? 2   C   A N1    1 
ATOM   34  C  C2    . C   A 1 2 ? 8.157   -4.152  -1.074  1.00 21.33 ? 2   C   A C2    1 
ATOM   35  O  O2    . C   A 1 2 ? 8.168   -4.963  -0.147  1.00 18.60 ? 2   C   A O2    1 
ATOM   36  N  N3    . C   A 1 2 ? 8.056   -2.812  -0.813  1.00 16.74 ? 2   C   A N3    1 
ATOM   37  C  C4    . C   A 1 2 ? 8.041   -1.893  -1.823  1.00 18.90 ? 2   C   A C4    1 
ATOM   38  N  N4    . C   A 1 2 ? 7.976   -0.598  -1.494  1.00 16.75 ? 2   C   A N4    1 
ATOM   39  C  C5    . C   A 1 2 ? 8.086   -2.325  -3.177  1.00 14.91 ? 2   C   A C5    1 
ATOM   40  C  C6    . C   A 1 2 ? 8.162   -3.646  -3.404  1.00 20.46 ? 2   C   A C6    1 
ATOM   41  P  P     . U   A 1 3 ? 3.852   -7.292  -4.238  1.00 15.88 ? 3   U   A P     1 
ATOM   42  O  OP1   . U   A 1 3 ? 3.159   -8.461  -4.828  1.00 11.68 ? 3   U   A OP1   1 
ATOM   43  O  OP2   . U   A 1 3 ? 3.730   -6.047  -5.036  1.00 10.40 ? 3   U   A OP2   1 
ATOM   44  O  "O5'" . U   A 1 3 ? 3.352   -6.962  -2.748  1.00 13.54 ? 3   U   A "O5'" 1 
ATOM   45  C  "C5'" . U   A 1 3 ? 3.294   -8.020  -1.761  1.00 13.01 ? 3   U   A "C5'" 1 
ATOM   46  C  "C4'" . U   A 1 3 ? 3.290   -7.344  -0.408  1.00 12.70 ? 3   U   A "C4'" 1 
ATOM   47  O  "O4'" . U   A 1 3 ? 4.413   -6.525  -0.200  1.00 9.99  ? 3   U   A "O4'" 1 
ATOM   48  C  "C3'" . U   A 1 3 ? 2.116   -6.370  -0.188  1.00 14.33 ? 3   U   A "C3'" 1 
ATOM   49  O  "O3'" . U   A 1 3 ? 0.929   -7.105  0.088   1.00 13.31 ? 3   U   A "O3'" 1 
ATOM   50  C  "C2'" . U   A 1 3 ? 2.624   -5.503  0.948   1.00 14.16 ? 3   U   A "C2'" 1 
ATOM   51  O  "O2'" . U   A 1 3 ? 2.505   -6.123  2.220   1.00 12.16 ? 3   U   A "O2'" 1 
ATOM   52  C  "C1'" . U   A 1 3 ? 4.085   -5.363  0.569   1.00 9.73  ? 3   U   A "C1'" 1 
ATOM   53  N  N1    . U   A 1 3 ? 4.292   -4.140  -0.215  1.00 8.59  ? 3   U   A N1    1 
ATOM   54  C  C2    . U   A 1 3 ? 4.317   -2.943  0.484   1.00 13.32 ? 3   U   A C2    1 
ATOM   55  O  O2    . U   A 1 3 ? 4.176   -2.925  1.701   1.00 13.32 ? 3   U   A O2    1 
ATOM   56  N  N3    . U   A 1 3 ? 4.515   -1.783  -0.200  1.00 13.06 ? 3   U   A N3    1 
ATOM   57  C  C4    . U   A 1 3 ? 4.678   -1.754  -1.561  1.00 15.93 ? 3   U   A C4    1 
ATOM   58  O  O4    . U   A 1 3 ? 4.830   -0.678  -2.143  1.00 16.33 ? 3   U   A O4    1 
ATOM   59  C  C5    . U   A 1 3 ? 4.640   -2.994  -2.266  1.00 19.09 ? 3   U   A C5    1 
ATOM   60  C  C6    . U   A 1 3 ? 4.454   -4.133  -1.570  1.00 20.30 ? 3   U   A C6    1 
ATOM   61  P  P     . U   A 1 4 ? -0.504  -6.411  0.250   1.00 10.99 ? 4   U   A P     1 
ATOM   62  O  OP1   . U   A 1 4 ? -1.445  -7.434  -0.255  1.00 10.68 ? 4   U   A OP1   1 
ATOM   63  O  OP2   . U   A 1 4 ? -0.541  -5.095  -0.457  1.00 8.70  ? 4   U   A OP2   1 
ATOM   64  O  "O5'" . U   A 1 4 ? -0.609  -6.219  1.834   1.00 14.27 ? 4   U   A "O5'" 1 
ATOM   65  C  "C5'" . U   A 1 4 ? -0.704  -7.391  2.686   1.00 12.79 ? 4   U   A "C5'" 1 
ATOM   66  C  "C4'" . U   A 1 4 ? -0.914  -6.890  4.100   1.00 9.68  ? 4   U   A "C4'" 1 
ATOM   67  O  "O4'" . U   A 1 4 ? 0.177   -6.088  4.514   1.00 10.37 ? 4   U   A "O4'" 1 
ATOM   68  C  "C3'" . U   A 1 4 ? -2.134  -5.982  4.287   1.00 9.51  ? 4   U   A "C3'" 1 
ATOM   69  O  "O3'" . U   A 1 4 ? -3.359  -6.708  4.456   1.00 13.69 ? 4   U   A "O3'" 1 
ATOM   70  C  "C2'" . U   A 1 4 ? -1.744  -5.153  5.499   1.00 14.99 ? 4   U   A "C2'" 1 
ATOM   71  O  "O2'" . U   A 1 4 ? -1.949  -5.909  6.678   1.00 10.62 ? 4   U   A "O2'" 1 
ATOM   72  C  "C1'" . U   A 1 4 ? -0.270  -4.936  5.271   1.00 14.77 ? 4   U   A "C1'" 1 
ATOM   73  N  N1    . U   A 1 4 ? 0.055   -3.687  4.559   1.00 6.41  ? 4   U   A N1    1 
ATOM   74  C  C2    . U   A 1 4 ? -0.026  -2.504  5.267   1.00 6.89  ? 4   U   A C2    1 
ATOM   75  O  O2    . U   A 1 4 ? -0.376  -2.503  6.453   1.00 10.38 ? 4   U   A O2    1 
ATOM   76  N  N3    . U   A 1 4 ? 0.258   -1.344  4.612   1.00 9.91  ? 4   U   A N3    1 
ATOM   77  C  C4    . U   A 1 4 ? 0.649   -1.289  3.299   1.00 9.79  ? 4   U   A C4    1 
ATOM   78  O  O4    . U   A 1 4 ? 0.926   -0.223  2.743   1.00 13.65 ? 4   U   A O4    1 
ATOM   79  C  C5    . U   A 1 4 ? 0.722   -2.530  2.589   1.00 4.07  ? 4   U   A C5    1 
ATOM   80  C  C6    . U   A 1 4 ? 0.431   -3.666  3.241   1.00 5.42  ? 4   U   A C6    1 
ATOM   81  P  P     . C   A 1 5 ? -4.742  -6.098  3.914   1.00 12.30 ? 5   C   A P     1 
ATOM   82  O  OP1   . C   A 1 5 ? -5.775  -7.139  4.131   1.00 8.85  ? 5   C   A OP1   1 
ATOM   83  O  OP2   . C   A 1 5 ? -4.639  -5.643  2.485   1.00 14.60 ? 5   C   A OP2   1 
ATOM   84  O  "O5'" . C   A 1 5 ? -4.952  -4.813  4.857   1.00 6.78  ? 5   C   A "O5'" 1 
ATOM   85  C  "C5'" . C   A 1 5 ? -5.394  -5.040  6.223   1.00 10.16 ? 5   C   A "C5'" 1 
ATOM   86  C  "C4'" . C   A 1 5 ? -5.587  -3.665  6.811   1.00 10.63 ? 5   C   A "C4'" 1 
ATOM   87  O  "O4'" . C   A 1 5 ? -4.328  -2.999  6.814   1.00 10.23 ? 5   C   A "O4'" 1 
ATOM   88  C  "C3'" . C   A 1 5 ? -6.478  -2.701  6.031   1.00 4.42  ? 5   C   A "C3'" 1 
ATOM   89  O  "O3'" . C   A 1 5 ? -7.891  -2.903  6.179   1.00 9.58  ? 5   C   A "O3'" 1 
ATOM   90  C  "C2'" . C   A 1 5 ? -5.996  -1.359  6.591   1.00 12.10 ? 5   C   A "C2'" 1 
ATOM   91  O  "O2'" . C   A 1 5 ? -6.558  -1.171  7.873   1.00 6.23  ? 5   C   A "O2'" 1 
ATOM   92  C  "C1'" . C   A 1 5 ? -4.503  -1.585  6.647   1.00 9.07  ? 5   C   A "C1'" 1 
ATOM   93  N  N1    . C   A 1 5 ? -3.860  -1.123  5.396   1.00 7.23  ? 5   C   A N1    1 
ATOM   94  C  C2    . C   A 1 5 ? -3.616  0.243   5.327   1.00 12.43 ? 5   C   A C2    1 
ATOM   95  O  O2    . C   A 1 5 ? -3.965  0.959   6.259   1.00 11.18 ? 5   C   A O2    1 
ATOM   96  N  N3    . C   A 1 5 ? -3.037  0.735   4.191   1.00 16.77 ? 5   C   A N3    1 
ATOM   97  C  C4    . C   A 1 5 ? -2.679  -0.084  3.162   1.00 6.23  ? 5   C   A C4    1 
ATOM   98  N  N4    . C   A 1 5 ? -2.107  0.453   2.080   1.00 6.74  ? 5   C   A N4    1 
ATOM   99  C  C5    . C   A 1 5 ? -2.922  -1.476  3.260   1.00 8.00  ? 5   C   A C5    1 
ATOM   100 C  C6    . C   A 1 5 ? -3.506  -1.951  4.377   1.00 8.33  ? 5   C   A C6    1 
ATOM   101 P  P     . G   A 1 6 ? -8.859  -2.663  4.897   1.00 12.88 ? 6   G   A P     1 
ATOM   102 O  OP1   . G   A 1 6 ? -10.146 -3.268  5.292   1.00 12.69 ? 6   G   A OP1   1 
ATOM   103 O  OP2   . G   A 1 6 ? -8.231  -3.314  3.715   1.00 15.96 ? 6   G   A OP2   1 
ATOM   104 O  "O5'" . G   A 1 6 ? -8.886  -1.080  4.740   1.00 9.04  ? 6   G   A "O5'" 1 
ATOM   105 C  "C5'" . G   A 1 6 ? -9.388  -0.290  5.845   1.00 11.87 ? 6   G   A "C5'" 1 
ATOM   106 C  "C4'" . G   A 1 6 ? -9.020  1.144   5.589   1.00 9.62  ? 6   G   A "C4'" 1 
ATOM   107 O  "O4'" . G   A 1 6 ? -7.619  1.326   5.538   1.00 13.27 ? 6   G   A "O4'" 1 
ATOM   108 C  "C3'" . G   A 1 6 ? -9.489  1.712   4.235   1.00 11.47 ? 6   G   A "C3'" 1 
ATOM   109 O  "O3'" . G   A 1 6 ? -10.881 2.041   4.222   1.00 11.89 ? 6   G   A "O3'" 1 
ATOM   110 C  "C2'" . G   A 1 6 ? -8.552  2.904   4.100   1.00 4.17  ? 6   G   A "C2'" 1 
ATOM   111 O  "O2'" . G   A 1 6 ? -8.988  3.923   4.975   1.00 6.95  ? 6   G   A "O2'" 1 
ATOM   112 C  "C1'" . G   A 1 6 ? -7.234  2.281   4.538   1.00 10.78 ? 6   G   A "C1'" 1 
ATOM   113 N  N9    . G   A 1 6 ? -6.582  1.651   3.374   1.00 9.66  ? 6   G   A N9    1 
ATOM   114 C  C8    . G   A 1 6 ? -6.379  0.321   3.114   1.00 10.85 ? 6   G   A C8    1 
ATOM   115 N  N7    . G   A 1 6 ? -5.751  0.084   1.982   1.00 7.63  ? 6   G   A N7    1 
ATOM   116 C  C5    . G   A 1 6 ? -5.541  1.345   1.446   1.00 8.63  ? 6   G   A C5    1 
ATOM   117 C  C6    . G   A 1 6 ? -4.919  1.776   0.226   1.00 14.02 ? 6   G   A C6    1 
ATOM   118 O  O6    . G   A 1 6 ? -4.431  1.059   -0.632  1.00 8.34  ? 6   G   A O6    1 
ATOM   119 N  N1    . G   A 1 6 ? -4.883  3.152   0.053   1.00 4.20  ? 6   G   A N1    1 
ATOM   120 C  C2    . G   A 1 6 ? -5.400  4.014   0.986   1.00 13.35 ? 6   G   A C2    1 
ATOM   121 N  N2    . G   A 1 6 ? -5.309  5.322   0.710   1.00 8.33  ? 6   G   A N2    1 
ATOM   122 N  N3    . G   A 1 6 ? -5.970  3.640   2.122   1.00 9.58  ? 6   G   A N3    1 
ATOM   123 C  C4    . G   A 1 6 ? -6.031  2.314   2.291   1.00 10.63 ? 6   G   A C4    1 
ATOM   124 P  P     . G   A 1 7 ? -11.799 1.809   2.910   1.00 10.38 ? 7   G   A P     1 
ATOM   125 O  OP1   . G   A 1 7 ? -13.187 2.044   3.380   1.00 6.34  ? 7   G   A OP1   1 
ATOM   126 O  OP2   . G   A 1 7 ? -11.602 0.421   2.385   1.00 15.79 ? 7   G   A OP2   1 
ATOM   127 O  "O5'" . G   A 1 7 ? -11.324 2.938   1.912   1.00 11.06 ? 7   G   A "O5'" 1 
ATOM   128 C  "C5'" . G   A 1 7 ? -11.593 4.322   2.318   1.00 11.21 ? 7   G   A "C5'" 1 
ATOM   129 C  "C4'" . G   A 1 7 ? -10.739 5.130   1.372   1.00 6.93  ? 7   G   A "C4'" 1 
ATOM   130 O  "O4'" . G   A 1 7 ? -9.425  4.619   1.351   1.00 8.37  ? 7   G   A "O4'" 1 
ATOM   131 C  "C3'" . G   A 1 7 ? -11.215 5.015   -0.086  1.00 10.01 ? 7   G   A "C3'" 1 
ATOM   132 O  "O3'" . G   A 1 7 ? -12.282 5.909   -0.392  1.00 9.32  ? 7   G   A "O3'" 1 
ATOM   133 C  "C2'" . G   A 1 7 ? -9.937  5.339   -0.855  1.00 11.52 ? 7   G   A "C2'" 1 
ATOM   134 O  "O2'" . G   A 1 7 ? -9.811  6.746   -0.886  1.00 7.71  ? 7   G   A "O2'" 1 
ATOM   135 C  "C1'" . G   A 1 7 ? -8.887  4.696   0.003   1.00 19.58 ? 7   G   A "C1'" 1 
ATOM   136 N  N9    . G   A 1 7 ? -8.490  3.363   -0.487  1.00 10.96 ? 7   G   A N9    1 
ATOM   137 C  C8    . G   A 1 7 ? -8.666  2.146   0.113   1.00 13.15 ? 7   G   A C8    1 
ATOM   138 N  N7    . G   A 1 7 ? -8.212  1.124   -0.594  1.00 9.71  ? 7   G   A N7    1 
ATOM   139 C  C5    . G   A 1 7 ? -7.694  1.750   -1.730  1.00 10.92 ? 7   G   A C5    1 
ATOM   140 C  C6    . G   A 1 7 ? -7.034  1.190   -2.875  1.00 4.74  ? 7   G   A C6    1 
ATOM   141 O  O6    . G   A 1 7 ? -6.786  0.019   -3.095  1.00 7.03  ? 7   G   A O6    1 
ATOM   142 N  N1    . G   A 1 7 ? -6.680  2.125   -3.828  1.00 5.33  ? 7   G   A N1    1 
ATOM   143 C  C2    . G   A 1 7 ? -6.917  3.471   -3.661  1.00 8.87  ? 7   G   A C2    1 
ATOM   144 N  N2    . G   A 1 7 ? -6.531  4.226   -4.697  1.00 5.20  ? 7   G   A N2    1 
ATOM   145 N  N3    . G   A 1 7 ? -7.498  4.037   -2.604  1.00 9.96  ? 7   G   A N3    1 
ATOM   146 C  C4    . G   A 1 7 ? -7.865  3.113   -1.685  1.00 10.75 ? 7   G   A C4    1 
ATOM   147 P  P     . C   A 1 8 ? -13.447 5.489   -1.432  1.00 7.65  ? 8   C   A P     1 
ATOM   148 O  OP1   . C   A 1 8 ? -14.413 6.601   -1.314  1.00 10.41 ? 8   C   A OP1   1 
ATOM   149 O  OP2   . C   A 1 8 ? -13.944 4.125   -1.117  1.00 11.04 ? 8   C   A OP2   1 
ATOM   150 O  "O5'" . C   A 1 8 ? -12.632 5.514   -2.814  1.00 5.52  ? 8   C   A "O5'" 1 
ATOM   151 C  "C5'" . C   A 1 8 ? -12.150 6.800   -3.294  1.00 12.21 ? 8   C   A "C5'" 1 
ATOM   152 C  "C4'" . C   A 1 8 ? -11.453 6.523   -4.607  1.00 10.57 ? 8   C   A "C4'" 1 
ATOM   153 O  "O4'" . C   A 1 8 ? -10.393 5.620   -4.401  1.00 9.95  ? 8   C   A "O4'" 1 
ATOM   154 C  "C3'" . C   A 1 8 ? -12.317 5.839   -5.676  1.00 7.00  ? 8   C   A "C3'" 1 
ATOM   155 O  "O3'" . C   A 1 8 ? -13.049 6.831   -6.381  1.00 13.14 ? 8   C   A "O3'" 1 
ATOM   156 C  "C2'" . C   A 1 8 ? -11.296 5.117   -6.539  1.00 4.53  ? 8   C   A "C2'" 1 
ATOM   157 O  "O2'" . C   A 1 8 ? -10.808 5.991   -7.546  1.00 9.67  ? 8   C   A "O2'" 1 
ATOM   158 C  "C1'" . C   A 1 8 ? -10.178 4.818   -5.577  1.00 7.60  ? 8   C   A "C1'" 1 
ATOM   159 N  N1    . C   A 1 8 ? -10.136 3.388   -5.226  1.00 8.03  ? 8   C   A N1    1 
ATOM   160 C  C2    . C   A 1 8 ? -9.510  2.575   -6.170  1.00 13.24 ? 8   C   A C2    1 
ATOM   161 O  O2    . C   A 1 8 ? -9.050  3.087   -7.189  1.00 16.40 ? 8   C   A O2    1 
ATOM   162 N  N3    . C   A 1 8 ? -9.416  1.242   -5.911  1.00 9.61  ? 8   C   A N3    1 
ATOM   163 C  C4    . C   A 1 8 ? -9.950  0.708   -4.771  1.00 11.38 ? 8   C   A C4    1 
ATOM   164 N  N4    . C   A 1 8 ? -9.818  -0.613  -4.573  1.00 9.05  ? 8   C   A N4    1 
ATOM   165 C  C5    . C   A 1 8 ? -10.605 1.539   -3.822  1.00 9.87  ? 8   C   A C5    1 
ATOM   166 C  C6    . C   A 1 8 ? -10.663 2.858   -4.086  1.00 8.74  ? 8   C   A C6    1 
HETATM 167 P  P     . UCL A 1 9 ? -14.608 6.826   -6.687  1.00 16.68 ? 9   UCL A P     1 
HETATM 168 O  O1P   . UCL A 1 9 ? -15.034 8.243   -6.967  1.00 8.22  ? 9   UCL A O1P   1 
HETATM 169 O  O2P   . UCL A 1 9 ? -15.242 6.216   -5.497  1.00 11.71 ? 9   UCL A O2P   1 
HETATM 170 O  "O5'" . UCL A 1 9 ? -14.771 5.913   -8.001  1.00 23.25 ? 9   UCL A "O5'" 1 
HETATM 171 C  "C5'" . UCL A 1 9 ? -15.008 4.476   -7.908  1.00 11.11 ? 9   UCL A "C5'" 1 
HETATM 172 C  "C4'" . UCL A 1 9 ? -15.841 4.062   -9.093  1.00 8.09  ? 9   UCL A "C4'" 1 
HETATM 173 O  "O4'" . UCL A 1 9 ? -17.216 4.367   -8.952  1.00 12.18 ? 9   UCL A "O4'" 1 
HETATM 174 C  "C3'" . UCL A 1 9 ? -15.478 4.871   -10.383 1.00 12.06 ? 9   UCL A "C3'" 1 
HETATM 175 O  "O3'" . UCL A 1 9 ? -15.766 4.081   -11.516 1.00 9.04  ? 9   UCL A "O3'" 1 
HETATM 176 C  "C2'" . UCL A 1 9 ? -16.344 6.057   -10.050 1.00 13.19 ? 9   UCL A "C2'" 1 
HETATM 177 C  "C1'" . UCL A 1 9 ? -17.700 5.462   -9.847  1.00 12.50 ? 9   UCL A "C1'" 1 
HETATM 178 N  N1    . UCL A 1 9 ? -18.539 6.216   -8.979  1.00 16.42 ? 9   UCL A N1    1 
HETATM 179 C  C2    . UCL A 1 9 ? -19.939 5.955   -9.126  1.00 19.64 ? 9   UCL A C2    1 
HETATM 180 O  O2    . UCL A 1 9 ? -20.474 5.185   -9.919  1.00 10.27 ? 9   UCL A O2    1 
HETATM 181 N  N3    . UCL A 1 9 ? -20.836 6.648   -8.358  1.00 21.37 ? 9   UCL A N3    1 
HETATM 182 C  C4    . UCL A 1 9 ? -20.517 7.575   -7.396  1.00 25.61 ? 9   UCL A C4    1 
HETATM 183 O  O4    . UCL A 1 9 ? -21.355 8.165   -6.730  1.00 21.17 ? 9   UCL A O4    1 
HETATM 184 C  C5    . UCL A 1 9 ? -19.121 7.798   -7.248  1.00 23.12 ? 9   UCL A C5    1 
HETATM 185 C  C6    . UCL A 1 9 ? -18.352 7.112   -8.060  1.00 12.59 ? 9   UCL A C6    1 
HETATM 186 CL CL    . UCL A 1 9 ? -18.600 8.921   -6.007  1.00 20.23 ? 9   UCL A CL    1 
ATOM   187 O  "O5'" . G   B 1 1 ? -2.746  -4.850  -10.305 1.00 34.26 ? 1   G   B "O5'" 1 
ATOM   188 C  "C5'" . G   B 1 1 ? -2.478  -4.771  -11.730 1.00 21.94 ? 1   G   B "C5'" 1 
ATOM   189 C  "C4'" . G   B 1 1 ? -3.147  -3.518  -12.238 1.00 14.07 ? 1   G   B "C4'" 1 
ATOM   190 O  "O4'" . G   B 1 1 ? -4.557  -3.631  -12.130 1.00 21.39 ? 1   G   B "O4'" 1 
ATOM   191 C  "C3'" . G   B 1 1 ? -2.811  -2.240  -11.458 1.00 14.09 ? 1   G   B "C3'" 1 
ATOM   192 O  "O3'" . G   B 1 1 ? -1.575  -1.652  -11.862 1.00 16.21 ? 1   G   B "O3'" 1 
ATOM   193 C  "C2'" . G   B 1 1 ? -4.029  -1.366  -11.736 1.00 14.74 ? 1   G   B "C2'" 1 
ATOM   194 O  "O2'" . G   B 1 1 ? -3.918  -0.725  -13.001 1.00 11.72 ? 1   G   B "O2'" 1 
ATOM   195 C  "C1'" . G   B 1 1 ? -5.152  -2.367  -11.720 1.00 15.84 ? 1   G   B "C1'" 1 
ATOM   196 N  N9    . G   B 1 1 ? -5.797  -2.537  -10.403 1.00 14.76 ? 1   G   B N9    1 
ATOM   197 C  C8    . G   B 1 1 ? -5.809  -3.695  -9.661  1.00 13.20 ? 1   G   B C8    1 
ATOM   198 N  N7    . G   B 1 1 ? -6.462  -3.599  -8.522  1.00 16.79 ? 1   G   B N7    1 
ATOM   199 C  C5    . G   B 1 1 ? -6.893  -2.276  -8.493  1.00 15.44 ? 1   G   B C5    1 
ATOM   200 C  C6    . G   B 1 1 ? -7.629  -1.546  -7.498  1.00 13.29 ? 1   G   B C6    1 
ATOM   201 O  O6    . G   B 1 1 ? -8.102  -1.932  -6.440  1.00 15.28 ? 1   G   B O6    1 
ATOM   202 N  N1    . G   B 1 1 ? -7.878  -0.227  -7.823  1.00 6.63  ? 1   G   B N1    1 
ATOM   203 C  C2    . G   B 1 1 ? -7.414  0.294   -9.007  1.00 6.38  ? 1   G   B C2    1 
ATOM   204 N  N2    . G   B 1 1 ? -7.684  1.589   -9.175  1.00 5.21  ? 1   G   B N2    1 
ATOM   205 N  N3    . G   B 1 1 ? -6.693  -0.328  -9.929  1.00 11.17 ? 1   G   B N3    1 
ATOM   206 C  C4    . G   B 1 1 ? -6.483  -1.623  -9.634  1.00 12.54 ? 1   G   B C4    1 
ATOM   207 P  P     . C   B 1 2 ? -0.543  -1.009  -10.826 1.00 19.10 ? 2   C   B P     1 
ATOM   208 O  OP1   . C   B 1 2 ? 0.740   -0.865  -11.551 1.00 20.45 ? 2   C   B OP1   1 
ATOM   209 O  OP2   . C   B 1 2 ? -0.429  -1.823  -9.576  1.00 15.66 ? 2   C   B OP2   1 
ATOM   210 O  "O5'" . C   B 1 2 ? -1.171  0.425   -10.466 1.00 11.54 ? 2   C   B "O5'" 1 
ATOM   211 C  "C5'" . C   B 1 2 ? -1.506  1.364   -11.516 1.00 13.76 ? 2   C   B "C5'" 1 
ATOM   212 C  "C4'" . C   B 1 2 ? -2.287  2.462   -10.818 1.00 12.55 ? 2   C   B "C4'" 1 
ATOM   213 O  "O4'" . C   B 1 2 ? -3.525  1.907   -10.419 1.00 13.62 ? 2   C   B "O4'" 1 
ATOM   214 C  "C3'" . C   B 1 2 ? -1.721  3.016   -9.509  1.00 7.44  ? 2   C   B "C3'" 1 
ATOM   215 O  "O3'" . C   B 1 2 ? -0.676  3.989   -9.620  1.00 8.06  ? 2   C   B "O3'" 1 
ATOM   216 C  "C2'" . C   B 1 2 ? -2.979  3.616   -8.878  1.00 11.82 ? 2   C   B "C2'" 1 
ATOM   217 O  "O2'" . C   B 1 2 ? -3.310  4.853   -9.492  1.00 8.83  ? 2   C   B "O2'" 1 
ATOM   218 C  "C1'" . C   B 1 2 ? -4.002  2.573   -9.219  1.00 12.07 ? 2   C   B "C1'" 1 
ATOM   219 N  N1    . C   B 1 2 ? -4.246  1.572   -8.166  1.00 11.11 ? 2   C   B N1    1 
ATOM   220 C  C2    . C   B 1 2 ? -5.015  1.985   -7.088  1.00 8.85  ? 2   C   B C2    1 
ATOM   221 O  O2    . C   B 1 2 ? -5.445  3.133   -7.088  1.00 8.83  ? 2   C   B O2    1 
ATOM   222 N  N3    . C   B 1 2 ? -5.281  1.088   -6.089  1.00 10.18 ? 2   C   B N3    1 
ATOM   223 C  C4    . C   B 1 2 ? -4.793  -0.183  -6.133  1.00 10.14 ? 2   C   B C4    1 
ATOM   224 N  N4    . C   B 1 2 ? -5.076  -1.027  -5.132  1.00 8.00  ? 2   C   B N4    1 
ATOM   225 C  C5    . C   B 1 2 ? -3.992  -0.597  -7.234  1.00 7.21  ? 2   C   B C5    1 
ATOM   226 C  C6    . C   B 1 2 ? -3.756  0.305   -8.207  1.00 7.44  ? 2   C   B C6    1 
ATOM   227 P  P     . U   B 1 3 ? 0.450   4.116   -8.463  1.00 13.02 ? 3   U   B P     1 
ATOM   228 O  OP1   . U   B 1 3 ? 1.510   4.942   -9.070  1.00 10.05 ? 3   U   B OP1   1 
ATOM   229 O  OP2   . U   B 1 3 ? 0.929   2.750   -8.061  1.00 20.06 ? 3   U   B OP2   1 
ATOM   230 O  "O5'" . U   B 1 3 ? -0.312  4.790   -7.225  1.00 12.18 ? 3   U   B "O5'" 1 
ATOM   231 C  "C5'" . U   B 1 3 ? -0.790  6.146   -7.313  1.00 6.46  ? 3   U   B "C5'" 1 
ATOM   232 C  "C4'" . U   B 1 3 ? -1.594  6.465   -6.081  1.00 8.96  ? 3   U   B "C4'" 1 
ATOM   233 O  "O4'" . U   B 1 3 ? -2.696  5.593   -5.947  1.00 10.13 ? 3   U   B "O4'" 1 
ATOM   234 C  "C3'" . U   B 1 3 ? -0.829  6.304   -4.755  1.00 10.31 ? 3   U   B "C3'" 1 
ATOM   235 O  "O3'" . U   B 1 3 ? 0.000   7.436   -4.482  1.00 6.49  ? 3   U   B "O3'" 1 
ATOM   236 C  "C2'" . U   B 1 3 ? -1.954  6.067   -3.754  1.00 9.23  ? 3   U   B "C2'" 1 
ATOM   237 O  "O2'" . U   B 1 3 ? -2.567  7.292   -3.382  1.00 8.31  ? 3   U   B "O2'" 1 
ATOM   238 C  "C1'" . U   B 1 3 ? -2.925  5.245   -4.556  1.00 9.07  ? 3   U   B "C1'" 1 
ATOM   239 N  N1    . U   B 1 3 ? -2.745  3.802   -4.343  1.00 9.37  ? 3   U   B N1    1 
ATOM   240 C  C2    . U   B 1 3 ? -3.400  3.250   -3.249  1.00 4.81  ? 3   U   B C2    1 
ATOM   241 O  O2    . U   B 1 3 ? -4.061  3.962   -2.490  1.00 8.98  ? 3   U   B O2    1 
ATOM   242 N  N3    . U   B 1 3 ? -3.248  1.919   -3.016  1.00 5.74  ? 3   U   B N3    1 
ATOM   243 C  C4    . U   B 1 3 ? -2.499  1.086   -3.806  1.00 14.49 ? 3   U   B C4    1 
ATOM   244 O  O4    . U   B 1 3 ? -2.394  -0.123  -3.552  1.00 9.49  ? 3   U   B O4    1 
ATOM   245 C  C5    . U   B 1 3 ? -1.851  1.672   -4.940  1.00 8.46  ? 3   U   B C5    1 
ATOM   246 C  C6    . U   B 1 3 ? -2.000  2.993   -5.147  1.00 12.94 ? 3   U   B C6    1 
ATOM   247 P  P     . U   B 1 4 ? 1.115   7.422   -3.326  1.00 12.40 ? 4   U   B P     1 
ATOM   248 O  OP1   . U   B 1 4 ? 2.158   8.358   -3.809  1.00 11.03 ? 4   U   B OP1   1 
ATOM   249 O  OP2   . U   B 1 4 ? 1.578   6.024   -3.076  1.00 9.87  ? 4   U   B OP2   1 
ATOM   250 O  "O5'" . U   B 1 4 ? 0.373   7.985   -2.019  1.00 11.70 ? 4   U   B "O5'" 1 
ATOM   251 C  "C5'" . U   B 1 4 ? 0.011   9.393   -2.001  1.00 8.42  ? 4   U   B "C5'" 1 
ATOM   252 C  "C4'" . U   B 1 4 ? -0.554  9.656   -0.636  1.00 5.47  ? 4   U   B "C4'" 1 
ATOM   253 O  "O4'" . U   B 1 4 ? -1.762  8.929   -0.467  1.00 11.37 ? 4   U   B "O4'" 1 
ATOM   254 C  "C3'" . U   B 1 4 ? 0.299   9.187   0.550   1.00 8.73  ? 4   U   B "C3'" 1 
ATOM   255 O  "O3'" . U   B 1 4 ? 1.319   10.107  0.927   1.00 10.81 ? 4   U   B "O3'" 1 
ATOM   256 C  "C2'" . U   B 1 4 ? -0.750  9.031   1.645   1.00 15.33 ? 4   U   B "C2'" 1 
ATOM   257 O  "O2'" . U   B 1 4 ? -1.096  10.331  2.083   1.00 11.44 ? 4   U   B "O2'" 1 
ATOM   258 C  "C1'" . U   B 1 4 ? -1.883  8.403   0.875   1.00 12.72 ? 4   U   B "C1'" 1 
ATOM   259 N  N1    . U   B 1 4 ? -1.827  6.931   0.874   1.00 11.27 ? 4   U   B N1    1 
ATOM   260 C  C2    . U   B 1 4 ? -2.293  6.282   2.007   1.00 14.14 ? 4   U   B C2    1 
ATOM   261 O  O2    . U   B 1 4 ? -2.717  6.913   2.973   1.00 12.78 ? 4   U   B O2    1 
ATOM   262 N  N3    . U   B 1 4 ? -2.272  4.923   2.030   1.00 9.16  ? 4   U   B N3    1 
ATOM   263 C  C4    . U   B 1 4 ? -1.797  4.171   0.986   1.00 4.11  ? 4   U   B C4    1 
ATOM   264 O  O4    . U   B 1 4 ? -1.752  2.946   1.091   1.00 6.76  ? 4   U   B O4    1 
ATOM   265 C  C5    . U   B 1 4 ? -1.305  4.862   -0.167  1.00 9.32  ? 4   U   B C5    1 
ATOM   266 C  C6    . U   B 1 4 ? -1.347  6.199   -0.177  1.00 8.69  ? 4   U   B C6    1 
ATOM   267 P  P     . C   B 1 5 ? 2.726   9.566   1.495   1.00 15.17 ? 5   C   B P     1 
ATOM   268 O  OP1   . C   B 1 5 ? 3.560   10.791  1.472   1.00 15.82 ? 5   C   B OP1   1 
ATOM   269 O  OP2   . C   B 1 5 ? 3.231   8.445   0.657   1.00 12.00 ? 5   C   B OP2   1 
ATOM   270 O  "O5'" . C   B 1 5 ? 2.372   9.039   2.961   1.00 14.80 ? 5   C   B "O5'" 1 
ATOM   271 C  "C5'" . C   B 1 5 ? 1.872   10.011  3.925   1.00 16.46 ? 5   C   B "C5'" 1 
ATOM   272 C  "C4'" . C   B 1 5 ? 1.458   9.186   5.117   1.00 12.14 ? 5   C   B "C4'" 1 
ATOM   273 O  "O4'" . C   B 1 5 ? 0.407   8.289   4.819   1.00 15.29 ? 5   C   B "O4'" 1 
ATOM   274 C  "C3'" . C   B 1 5 ? 2.580   8.264   5.612   1.00 17.47 ? 5   C   B "C3'" 1 
ATOM   275 O  "O3'" . C   B 1 5 ? 3.574   8.992   6.348   1.00 20.58 ? 5   C   B "O3'" 1 
ATOM   276 C  "C2'" . C   B 1 5 ? 1.815   7.220   6.414   1.00 14.37 ? 5   C   B "C2'" 1 
ATOM   277 O  "O2'" . C   B 1 5 ? 1.507   7.690   7.703   1.00 17.21 ? 5   C   B "O2'" 1 
ATOM   278 C  "C1'" . C   B 1 5 ? 0.562   7.066   5.564   1.00 12.59 ? 5   C   B "C1'" 1 
ATOM   279 N  N1    . C   B 1 5 ? 0.737   5.897   4.689   1.00 10.71 ? 5   C   B N1    1 
ATOM   280 C  C2    . C   B 1 5 ? 0.515   4.660   5.288   1.00 18.41 ? 5   C   B C2    1 
ATOM   281 O  O2    . C   B 1 5 ? 0.167   4.585   6.473   1.00 14.27 ? 5   C   B O2    1 
ATOM   282 N  N3    . C   B 1 5 ? 0.665   3.543   4.508   1.00 13.08 ? 5   C   B N3    1 
ATOM   283 C  C4    . C   B 1 5 ? 1.013   3.621   3.192   1.00 10.09 ? 5   C   B C4    1 
ATOM   284 N  N4    . C   B 1 5 ? 1.140   2.465   2.515   1.00 5.79  ? 5   C   B N4    1 
ATOM   285 C  C5    . C   B 1 5 ? 1.258   4.889   2.597   1.00 9.57  ? 5   C   B C5    1 
ATOM   286 C  C6    . C   B 1 5 ? 1.104   5.987   3.375   1.00 9.19  ? 5   C   B C6    1 
ATOM   287 P  P     . G   B 1 6 ? 5.077   8.413   6.375   1.00 21.89 ? 6   G   B P     1 
ATOM   288 O  OP1   . G   B 1 6 ? 5.886   9.457   7.049   1.00 35.16 ? 6   G   B OP1   1 
ATOM   289 O  OP2   . G   B 1 6 ? 5.577   8.061   5.021   1.00 29.52 ? 6   G   B OP2   1 
ATOM   290 O  "O5'" . G   B 1 6 ? 4.867   7.108   7.286   1.00 20.32 ? 6   G   B "O5'" 1 
ATOM   291 C  "C5'" . G   B 1 6 ? 5.633   5.929   6.909   1.00 22.68 ? 6   G   B "C5'" 1 
ATOM   292 C  "C4'" . G   B 1 6 ? 4.966   4.817   7.692   1.00 22.52 ? 6   G   B "C4'" 1 
ATOM   293 O  "O4'" . G   B 1 6 ? 3.747   4.438   7.089   1.00 25.34 ? 6   G   B "O4'" 1 
ATOM   294 C  "C3'" . G   B 1 6 ? 5.826   3.548   7.756   1.00 20.86 ? 6   G   B "C3'" 1 
ATOM   295 O  "O3'" . G   B 1 6 ? 6.672   3.574   8.910   1.00 25.79 ? 6   G   B "O3'" 1 
ATOM   296 C  "C2'" . G   B 1 6 ? 4.788   2.440   7.750   1.00 21.90 ? 6   G   B "C2'" 1 
ATOM   297 O  "O2'" . G   B 1 6 ? 4.273   2.250   9.050   1.00 19.46 ? 6   G   B "O2'" 1 
ATOM   298 C  "C1'" . G   B 1 6 ? 3.746   3.019   6.823   1.00 24.53 ? 6   G   B "C1'" 1 
ATOM   299 N  N9    . G   B 1 6 ? 4.069   2.750   5.416   1.00 20.12 ? 6   G   B N9    1 
ATOM   300 C  C8    . G   B 1 6 ? 4.460   3.607   4.428   1.00 16.79 ? 6   G   B C8    1 
ATOM   301 N  N7    . G   B 1 6 ? 4.672   3.012   3.276   1.00 13.04 ? 6   G   B N7    1 
ATOM   302 C  C5    . G   B 1 6 ? 4.383   1.678   3.521   1.00 18.88 ? 6   G   B C5    1 
ATOM   303 C  C6    . G   B 1 6 ? 4.434   0.514   2.676   1.00 17.68 ? 6   G   B C6    1 
ATOM   304 O  O6    . G   B 1 6 ? 4.733   0.449   1.493   1.00 14.40 ? 6   G   B O6    1 
ATOM   305 N  N1    . G   B 1 6 ? 4.106   -0.653  3.326   1.00 14.93 ? 6   G   B N1    1 
ATOM   306 C  C2    . G   B 1 6 ? 3.752   -0.686  4.655   1.00 19.79 ? 6   G   B C2    1 
ATOM   307 N  N2    . G   B 1 6 ? 3.444   -1.898  5.133   1.00 16.05 ? 6   G   B N2    1 
ATOM   308 N  N3    . G   B 1 6 ? 3.696   0.364   5.467   1.00 16.04 ? 6   G   B N3    1 
ATOM   309 C  C4    . G   B 1 6 ? 4.031   1.499   4.834   1.00 17.38 ? 6   G   B C4    1 
ATOM   310 P  P     . G   B 1 7 ? 8.227   3.174   8.826   1.00 25.25 ? 7   G   B P     1 
ATOM   311 O  OP1   . G   B 1 7 ? 8.756   3.670   10.130  1.00 30.89 ? 7   G   B OP1   1 
ATOM   312 O  OP2   . G   B 1 7 ? 8.885   3.809   7.642   1.00 25.04 ? 7   G   B OP2   1 
ATOM   313 O  "O5'" . G   B 1 7 ? 8.207   1.590   8.687   1.00 26.73 ? 7   G   B "O5'" 1 
ATOM   314 C  "C5'" . G   B 1 7 ? 7.474   0.806   9.666   1.00 26.09 ? 7   G   B "C5'" 1 
ATOM   315 C  "C4'" . G   B 1 7 ? 7.319   -0.562  9.036   1.00 20.58 ? 7   G   B "C4'" 1 
ATOM   316 O  "O4'" . G   B 1 7 ? 6.448   -0.509  7.931   1.00 16.62 ? 7   G   B "O4'" 1 
ATOM   317 C  "C3'" . G   B 1 7 ? 8.614   -1.126  8.446   1.00 22.46 ? 7   G   B "C3'" 1 
ATOM   318 O  "O3'" . G   B 1 7 ? 9.443   -1.679  9.471   1.00 31.74 ? 7   G   B "O3'" 1 
ATOM   319 C  "C2'" . G   B 1 7 ? 8.104   -2.128  7.424   1.00 24.92 ? 7   G   B "C2'" 1 
ATOM   320 O  "O2'" . G   B 1 7 ? 7.775   -3.353  8.052   1.00 27.09 ? 7   G   B "O2'" 1 
ATOM   321 C  "C1'" . G   B 1 7 ? 6.872   -1.421  6.899   1.00 22.58 ? 7   G   B "C1'" 1 
ATOM   322 N  N9    . G   B 1 7 ? 7.188   -0.704  5.655   1.00 19.58 ? 7   G   B N9    1 
ATOM   323 C  C8    . G   B 1 7 ? 7.388   0.637   5.465   1.00 14.00 ? 7   G   B C8    1 
ATOM   324 N  N7    . G   B 1 7 ? 7.666   0.948   4.218   1.00 15.41 ? 7   G   B N7    1 
ATOM   325 C  C5    . G   B 1 7 ? 7.631   -0.274  3.552   1.00 18.25 ? 7   G   B C5    1 
ATOM   326 C  C6    . G   B 1 7 ? 7.840   -0.609  2.173   1.00 10.91 ? 7   G   B C6    1 
ATOM   327 O  O6    . G   B 1 7 ? 8.089   0.158   1.256   1.00 19.45 ? 7   G   B O6    1 
ATOM   328 N  N1    . G   B 1 7 ? 7.739   -1.955  1.897   1.00 11.05 ? 7   G   B N1    1 
ATOM   329 C  C2    . G   B 1 7 ? 7.429   -2.875  2.875   1.00 17.89 ? 7   G   B C2    1 
ATOM   330 N  N2    . G   B 1 7 ? 7.342   -4.137  2.449   1.00 16.05 ? 7   G   B N2    1 
ATOM   331 N  N3    . G   B 1 7 ? 7.225   -2.609  4.157   1.00 19.81 ? 7   G   B N3    1 
ATOM   332 C  C4    . G   B 1 7 ? 7.342   -1.294  4.419   1.00 16.02 ? 7   G   B C4    1 
ATOM   333 P  P     . C   B 1 8 ? 11.007  -1.817  9.155   1.00 38.19 ? 8   C   B P     1 
ATOM   334 O  OP1   . C   B 1 8 ? 11.581  -2.075  10.508  1.00 35.50 ? 8   C   B OP1   1 
ATOM   335 O  OP2   . C   B 1 8 ? 11.594  -0.599  8.521   1.00 22.72 ? 8   C   B OP2   1 
ATOM   336 O  "O5'" . C   B 1 8 ? 11.058  -3.075  8.185   1.00 35.22 ? 8   C   B "O5'" 1 
ATOM   337 C  "C5'" . C   B 1 8 ? 12.220  -3.303  7.347   1.00 44.09 ? 8   C   B "C5'" 1 
ATOM   338 C  "C4'" . C   B 1 8 ? 11.885  -4.542  6.541   1.00 49.72 ? 8   C   B "C4'" 1 
ATOM   339 O  "O4'" . C   B 1 8 ? 10.689  -4.166  5.876   1.00 45.31 ? 8   C   B "O4'" 1 
ATOM   340 C  "C3'" . C   B 1 8 ? 12.846  -4.963  5.522   1.00 59.48 ? 8   C   B "C3'" 1 
ATOM   341 O  "O3'" . C   B 1 8 ? 13.252  -6.260  6.023   1.00 64.51 ? 8   C   B "O3'" 1 
ATOM   342 C  "C2'" . C   B 1 8 ? 12.091  -5.344  4.330   1.00 63.04 ? 8   C   B "C2'" 1 
ATOM   343 O  "O2'" . C   B 1 8 ? 12.032  -6.608  3.870   1.00 63.69 ? 8   C   B "O2'" 1 
ATOM   344 C  "C1'" . C   B 1 8 ? 10.756  -4.580  4.490   1.00 49.56 ? 8   C   B "C1'" 1 
ATOM   345 N  N1    . C   B 1 8 ? 10.923  -3.291  3.799   1.00 36.88 ? 8   C   B N1    1 
ATOM   346 C  C2    . C   B 1 8 ? 11.065  -3.296  2.421   1.00 36.56 ? 8   C   B C2    1 
ATOM   347 O  O2    . C   B 1 8 ? 11.035  -4.348  1.782   1.00 50.82 ? 8   C   B O2    1 
ATOM   348 N  N3    . C   B 1 8 ? 11.205  -2.092  1.789   1.00 40.40 ? 8   C   B N3    1 
ATOM   349 C  C4    . C   B 1 8 ? 11.231  -0.922  2.481   1.00 24.81 ? 8   C   B C4    1 
ATOM   350 N  N4    . C   B 1 8 ? 11.382  0.234   1.832   1.00 33.79 ? 8   C   B N4    1 
ATOM   351 C  C5    . C   B 1 8 ? 11.099  -0.931  3.895   1.00 28.36 ? 8   C   B C5    1 
ATOM   352 C  C6    . C   B 1 8 ? 10.947  -2.117  4.494   1.00 31.20 ? 8   C   B C6    1 
HETATM 353 P  P     A UCL B 1 9 ? 11.927  -7.093  6.309   1.00 75.97 ? 9   UCL B P     1 
HETATM 354 P  P     B UCL B 1 9 ? 12.015  -7.172  6.286   0.50 40.00 ? 9   UCL B P     1 
HETATM 355 O  O1P   A UCL B 1 9 ? 10.793  -6.471  6.173   0.50 40.00 ? 9   UCL B O1P   1 
HETATM 356 O  O1P   B UCL B 1 9 ? 10.976  -6.514  6.132   0.50 40.00 ? 9   UCL B O1P   1 
HETATM 357 O  O2P   A UCL B 1 9 ? 11.886  -7.670  7.479   0.50 40.00 ? 9   UCL B O2P   1 
HETATM 358 O  O2P   B UCL B 1 9 ? 12.025  -7.699  7.416   0.50 40.00 ? 9   UCL B O2P   1 
HETATM 359 O  "O5'" A UCL B 1 9 ? 11.519  -8.122  5.474   0.50 40.00 ? 9   UCL B "O5'" 1 
HETATM 360 O  "O5'" B UCL B 1 9 ? 11.790  -8.200  5.376   0.50 40.00 ? 9   UCL B "O5'" 1 
HETATM 361 C  "C5'" A UCL B 1 9 ? 12.180  -9.145  6.130   0.50 40.00 ? 9   UCL B "C5'" 1 
HETATM 362 C  "C5'" B UCL B 1 9 ? 12.190  -9.369  5.956   0.50 40.00 ? 9   UCL B "C5'" 1 
HETATM 363 C  "C4'" A UCL B 1 9 ? 13.570  -9.298  6.753   0.50 40.00 ? 9   UCL B "C4'" 1 
HETATM 364 C  "C4'" B UCL B 1 9 ? 13.586  -8.867  6.316   0.50 40.00 ? 9   UCL B "C4'" 1 
HETATM 365 O  "O4'" A UCL B 1 9 ? 14.213  -8.735  5.519   0.50 40.00 ? 9   UCL B "O4'" 1 
HETATM 366 O  "O4'" B UCL B 1 9 ? 14.599  -8.502  5.425   0.50 40.00 ? 9   UCL B "O4'" 1 
HETATM 367 C  "C3'" A UCL B 1 9 ? 14.385  -8.655  7.631   0.50 40.00 ? 9   UCL B "C3'" 1 
HETATM 368 C  "C3'" B UCL B 1 9 ? 14.187  -8.384  7.939   0.50 40.00 ? 9   UCL B "C3'" 1 
HETATM 369 O  "O3'" A UCL B 1 9 ? 14.732  -9.777  8.169   0.50 40.00 ? 9   UCL B "O3'" 1 
HETATM 370 O  "O3'" B UCL B 1 9 ? 14.599  -9.336  8.894   0.50 40.00 ? 9   UCL B "O3'" 1 
HETATM 371 C  "C2'" A UCL B 1 9 ? 15.293  -7.604  7.137   0.50 40.00 ? 9   UCL B "C2'" 1 
HETATM 372 C  "C2'" B UCL B 1 9 ? 15.202  -7.643  7.541   0.50 40.00 ? 9   UCL B "C2'" 1 
HETATM 373 C  "C1'" A UCL B 1 9 ? 15.501  -8.220  5.780   0.50 40.00 ? 9   UCL B "C1'" 1 
HETATM 374 C  "C1'" B UCL B 1 9 ? 15.611  -7.723  6.108   0.50 40.00 ? 9   UCL B "C1'" 1 
HETATM 375 N  N1    A UCL B 1 9 ? 15.504  -7.226  4.663   0.50 40.00 ? 9   UCL B N1    1 
HETATM 376 N  N1    B UCL B 1 9 ? 15.680  -6.398  5.412   0.50 40.00 ? 9   UCL B N1    1 
HETATM 377 C  C2    A UCL B 1 9 ? 15.647  -7.795  3.382   0.50 40.00 ? 9   UCL B C2    1 
HETATM 378 C  C2    B UCL B 1 9 ? 15.947  -6.463  4.032   0.50 40.00 ? 9   UCL B C2    1 
HETATM 379 O  O2    A UCL B 1 9 ? 15.895  -8.996  3.263   0.50 40.00 ? 9   UCL B O2    1 
HETATM 380 O  O2    B UCL B 1 9 ? 16.221  -7.548  3.519   0.50 40.00 ? 9   UCL B O2    1 
HETATM 381 N  N3    A UCL B 1 9 ? 15.556  -6.972  2.313   0.50 40.00 ? 9   UCL B N3    1 
HETATM 382 N  N3    B UCL B 1 9 ? 15.908  -5.318  3.324   0.50 40.00 ? 9   UCL B N3    1 
HETATM 383 C  C4    A UCL B 1 9 ? 15.295  -5.623  2.422   0.50 40.00 ? 9   UCL B C4    1 
HETATM 384 C  C4    B UCL B 1 9 ? 15.619  -4.101  3.895   0.50 40.00 ? 9   UCL B C4    1 
HETATM 385 O  O4    A UCL B 1 9 ? 15.220  -4.903  1.421   0.50 40.00 ? 9   UCL B O4    1 
HETATM 386 O  O4    B UCL B 1 9 ? 15.603  -3.061  3.213   0.50 40.00 ? 9   UCL B O4    1 
HETATM 387 C  C5    A UCL B 1 9 ? 15.146  -5.085  3.741   0.50 40.00 ? 9   UCL B C5    1 
HETATM 388 C  C5    B UCL B 1 9 ? 15.339  -4.071  5.302   0.50 40.00 ? 9   UCL B C5    1 
HETATM 389 C  C6    A UCL B 1 9 ? 15.245  -5.906  4.780   0.50 40.00 ? 9   UCL B C6    1 
HETATM 390 C  C6    B UCL B 1 9 ? 15.382  -5.207  5.975   0.50 40.00 ? 9   UCL B C6    1 
HETATM 391 CL CL    A UCL B 1 9 ? 14.800  -3.364  3.690   0.50 40.00 ? 9   UCL B CL    1 
HETATM 392 CL CL    B UCL B 1 9 ? 14.968  -2.437  5.841   0.50 40.00 ? 9   UCL B CL    1 
HETATM 393 RH RH    . RHD C 2 . ? -6.889  -3.121  -0.064  1.00 15.85 ? 11  RHD A RH    1 
HETATM 394 N  N1    . RHD C 2 . ? -5.857  -3.258  1.657   1.00 14.62 ? 11  RHD A N1    1 
HETATM 395 N  N2    . RHD C 2 . ? -5.563  -4.358  -0.958  1.00 9.21  ? 11  RHD A N2    1 
HETATM 396 N  N3    . RHD C 2 . ? -7.907  -2.967  -1.808  1.00 22.07 ? 11  RHD A N3    1 
HETATM 397 N  N4    . RHD C 2 . ? -8.229  -1.877  0.792   1.00 14.15 ? 11  RHD A N4    1 
HETATM 398 N  N5    . RHD C 2 . ? -8.017  -4.698  0.477   1.00 33.68 ? 11  RHD A N5    1 
HETATM 399 N  N6    . RHD C 2 . ? -5.769  -1.528  -0.611  1.00 35.68 ? 11  RHD A N6    1 
HETATM 400 RH RH    . RHD D 2 . ? -12.972 -9.046  6.447   1.00 21.54 ? 12  RHD A RH    1 
HETATM 401 N  N1    . RHD D 2 . ? -13.961 -9.411  8.179   1.00 19.45 ? 12  RHD A N1    1 
HETATM 402 N  N2    . RHD D 2 . ? -11.555 -10.401 6.956   1.00 12.17 ? 12  RHD A N2    1 
HETATM 403 N  N3    . RHD D 2 . ? -11.965 -8.659  4.749   1.00 20.99 ? 12  RHD A N3    1 
HETATM 404 N  N4    . RHD D 2 . ? -14.370 -7.695  5.928   1.00 22.98 ? 12  RHD A N4    1 
HETATM 405 N  N5    . RHD D 2 . ? -14.025 -10.511 5.552   1.00 16.14 ? 12  RHD A N5    1 
HETATM 406 N  N6    . RHD D 2 . ? -11.912 -7.623  7.427   1.00 23.69 ? 12  RHD A N6    1 
HETATM 407 CL CL    . CL  E 3 . ? -24.381 4.993   -5.263  1.00 16.85 ? 32  CL  A CL    1 
HETATM 408 CL CL    A CL  F 3 . ? 6.469   4.238   0.058   0.75 14.41 ? 31  CL  B CL    1 
HETATM 409 CL CL    B CL  F 3 . ? 5.975   3.593   -1.017  0.25 14.21 ? 31  CL  B CL    1 
HETATM 410 O  O     . HOH G 4 . ? -16.408 7.330   -3.250  1.00 35.75 ? 102 HOH A O     1 
HETATM 411 O  O     . HOH G 4 . ? -15.297 3.586   -4.374  1.00 14.43 ? 103 HOH A O     1 
HETATM 412 O  O     . HOH G 4 . ? 0.685   -3.630  9.229   1.00 35.53 ? 104 HOH A O     1 
HETATM 413 O  O     . HOH G 4 . ? -1.949  -0.935  -0.377  1.00 18.44 ? 105 HOH A O     1 
HETATM 414 O  O     . HOH G 4 . ? -10.414 -1.700  -1.959  1.00 16.98 ? 106 HOH A O     1 
HETATM 415 O  O     . HOH G 4 . ? -18.452 3.912   -12.806 1.00 10.61 ? 107 HOH A O     1 
HETATM 416 O  O     . HOH G 4 . ? -7.112  11.009  -5.076  1.00 10.43 ? 108 HOH A O     1 
HETATM 417 O  O     . HOH G 4 . ? -5.492  -8.725  6.664   1.00 26.94 ? 110 HOH A O     1 
HETATM 418 O  O     . HOH G 4 . ? -7.010  6.693   -2.602  1.00 18.29 ? 111 HOH A O     1 
HETATM 419 O  O     . HOH G 4 . ? 3.526   -4.889  4.363   1.00 12.93 ? 113 HOH A O     1 
HETATM 420 O  O     . HOH G 4 . ? 1.111   -2.891  -1.104  1.00 15.52 ? 114 HOH A O     1 
HETATM 421 O  O     . HOH G 4 . ? -16.409 3.330   -2.250  1.00 16.01 ? 115 HOH A O     1 
HETATM 422 O  O     . HOH G 4 . ? -13.012 1.777   -1.865  1.00 14.07 ? 117 HOH A O     1 
HETATM 423 O  O     . HOH G 4 . ? -8.536  8.866   -4.688  1.00 15.27 ? 118 HOH A O     1 
HETATM 424 O  O     . HOH G 4 . ? -15.653 1.060   2.097   1.00 44.12 ? 119 HOH A O     1 
HETATM 425 O  O     . HOH G 4 . ? -6.928  1.436   8.393   1.00 18.33 ? 120 HOH A O     1 
HETATM 426 O  O     . HOH G 4 . ? -10.564 8.747   -7.536  1.00 17.01 ? 121 HOH A O     1 
HETATM 427 O  O     . HOH G 4 . ? 9.153   -7.052  1.400   1.00 46.24 ? 122 HOH A O     1 
HETATM 428 O  O     . HOH G 4 . ? 2.640   -5.576  7.108   1.00 22.64 ? 125 HOH A O     1 
HETATM 429 O  O     . HOH G 4 . ? 1.346   -0.161  0.099   1.00 22.63 ? 131 HOH A O     1 
HETATM 430 O  O     . HOH G 4 . ? -11.926 -0.012  -0.446  1.00 25.57 ? 132 HOH A O     1 
HETATM 431 O  O     . HOH G 4 . ? -1.990  -6.887  -3.131  1.00 21.87 ? 134 HOH A O     1 
HETATM 432 O  O     . HOH G 4 . ? -2.640  -3.463  0.611   1.00 30.97 ? 137 HOH A O     1 
HETATM 433 O  O     . HOH G 4 . ? -8.052  6.029   4.062   1.00 30.65 ? 138 HOH A O     1 
HETATM 434 O  O     . HOH G 4 . ? 14.505  -0.153  -2.687  1.00 32.10 ? 142 HOH A O     1 
HETATM 435 O  O     . HOH G 4 . ? -7.695  4.196   7.389   1.00 24.83 ? 143 HOH A O     1 
HETATM 436 O  O     . HOH G 4 . ? -1.338  -0.791  8.269   1.00 32.24 ? 144 HOH A O     1 
HETATM 437 O  O     . HOH G 4 . ? -2.068  -4.409  8.718   1.00 28.31 ? 145 HOH A O     1 
HETATM 438 O  O     . HOH H 4 . ? 2.117   -3.711  -8.304  1.00 20.70 ? 101 HOH B O     1 
HETATM 439 O  O     . HOH H 4 . ? -3.039  3.523   4.123   1.00 15.76 ? 109 HOH B O     1 
HETATM 440 O  O     . HOH H 4 . ? -2.034  6.207   -11.680 1.00 21.13 ? 112 HOH B O     1 
HETATM 441 O  O     . HOH H 4 . ? 2.457   5.721   -0.572  1.00 17.02 ? 116 HOH B O     1 
HETATM 442 O  O     . HOH H 4 . ? 0.343   3.451   -2.819  1.00 18.67 ? 123 HOH B O     1 
HETATM 443 O  O     . HOH H 4 . ? 2.940   -2.271  7.848   1.00 25.46 ? 124 HOH B O     1 
HETATM 444 O  O     . HOH H 4 . ? 0.367   1.199   5.968   1.00 16.76 ? 126 HOH B O     1 
HETATM 445 O  O     . HOH H 4 . ? -0.426  8.884   11.648  1.00 38.84 ? 127 HOH B O     1 
HETATM 446 O  O     . HOH H 4 . ? -5.406  9.066   0.586   1.00 17.49 ? 128 HOH B O     1 
HETATM 447 O  O     . HOH H 4 . ? -1.161  -2.009  -4.970  1.00 31.39 ? 129 HOH B O     1 
HETATM 448 O  O     . HOH H 4 . ? 4.397   2.173   -4.347  1.00 31.63 ? 130 HOH B O     1 
HETATM 449 O  O     . HOH H 4 . ? -4.424  7.230   -1.338  1.00 11.64 ? 133 HOH B O     1 
HETATM 450 O  O     . HOH H 4 . ? 1.624   2.353   -5.305  1.00 22.31 ? 135 HOH B O     1 
HETATM 451 O  O     . HOH H 4 . ? 3.030   4.690   -5.148  1.00 39.09 ? 136 HOH B O     1 
HETATM 452 O  O     . HOH H 4 . ? 2.453   0.161   -9.694  1.00 32.42 ? 139 HOH B O     1 
HETATM 453 O  O     . HOH H 4 . ? 7.952   4.291   5.151   1.00 47.21 ? 140 HOH B O     1 
HETATM 454 O  O     . HOH H 4 . ? 3.320   12.571  -1.193  1.00 34.97 ? 141 HOH B O     1 
HETATM 455 O  O     . HOH H 4 . ? 1.246   -5.100  -11.296 1.00 41.63 ? 146 HOH B O     1 
# 
loop_
_atom_site_anisotrop.id 
_atom_site_anisotrop.type_symbol 
_atom_site_anisotrop.pdbx_label_atom_id 
_atom_site_anisotrop.pdbx_label_alt_id 
_atom_site_anisotrop.pdbx_label_comp_id 
_atom_site_anisotrop.pdbx_label_asym_id 
_atom_site_anisotrop.pdbx_label_seq_id 
_atom_site_anisotrop.pdbx_PDB_ins_code 
_atom_site_anisotrop.U[1][1] 
_atom_site_anisotrop.U[2][2] 
_atom_site_anisotrop.U[3][3] 
_atom_site_anisotrop.U[1][2] 
_atom_site_anisotrop.U[1][3] 
_atom_site_anisotrop.U[2][3] 
_atom_site_anisotrop.pdbx_auth_seq_id 
_atom_site_anisotrop.pdbx_auth_comp_id 
_atom_site_anisotrop.pdbx_auth_asym_id 
_atom_site_anisotrop.pdbx_auth_atom_id 
393 RH RH . RHD C . ? 0.2089 0.2282 0.1652 -0.0053 -0.0213 -0.0178 11 RHD A RH 
400 RH RH . RHD D . ? 0.3912 0.2692 0.1578 0.1470  -0.0027 -0.0092 12 RHD A RH 
# 
loop_
_pdbx_poly_seq_scheme.asym_id 
_pdbx_poly_seq_scheme.entity_id 
_pdbx_poly_seq_scheme.seq_id 
_pdbx_poly_seq_scheme.mon_id 
_pdbx_poly_seq_scheme.ndb_seq_num 
_pdbx_poly_seq_scheme.pdb_seq_num 
_pdbx_poly_seq_scheme.auth_seq_num 
_pdbx_poly_seq_scheme.pdb_mon_id 
_pdbx_poly_seq_scheme.auth_mon_id 
_pdbx_poly_seq_scheme.pdb_strand_id 
_pdbx_poly_seq_scheme.pdb_ins_code 
_pdbx_poly_seq_scheme.hetero 
A 1 1 G   1 1 1 G   G  A . n 
A 1 2 C   2 2 2 C   C  A . n 
A 1 3 U   3 3 3 U   U  A . n 
A 1 4 U   4 4 4 U   U  A . n 
A 1 5 C   5 5 5 C   C  A . n 
A 1 6 G   6 6 6 G   G  A . n 
A 1 7 G   7 7 7 G   G  A . n 
A 1 8 C   8 8 8 C   C  A . n 
A 1 9 UCL 9 9 9 UCL +U A . n 
B 1 1 G   1 1 1 G   G  B . n 
B 1 2 C   2 2 2 C   C  B . n 
B 1 3 U   3 3 3 U   U  B . n 
B 1 4 U   4 4 4 U   U  B . n 
B 1 5 C   5 5 5 C   C  B . n 
B 1 6 G   6 6 6 G   G  B . n 
B 1 7 G   7 7 7 G   G  B . n 
B 1 8 C   8 8 8 C   C  B . n 
B 1 9 UCL 9 9 9 UCL +U B . n 
# 
loop_
_pdbx_nonpoly_scheme.asym_id 
_pdbx_nonpoly_scheme.entity_id 
_pdbx_nonpoly_scheme.mon_id 
_pdbx_nonpoly_scheme.ndb_seq_num 
_pdbx_nonpoly_scheme.pdb_seq_num 
_pdbx_nonpoly_scheme.auth_seq_num 
_pdbx_nonpoly_scheme.pdb_mon_id 
_pdbx_nonpoly_scheme.auth_mon_id 
_pdbx_nonpoly_scheme.pdb_strand_id 
_pdbx_nonpoly_scheme.pdb_ins_code 
C 2 RHD 1  11  11  RHD RHD A . 
D 2 RHD 1  12  12  RHD RHD A . 
E 3 CL  1  32  32  CL  CL  A . 
F 3 CL  1  31  31  CL  CL  B . 
G 4 HOH 1  102 102 HOH HOH A . 
G 4 HOH 2  103 103 HOH HOH A . 
G 4 HOH 3  104 104 HOH HOH A . 
G 4 HOH 4  105 105 HOH HOH A . 
G 4 HOH 5  106 106 HOH HOH A . 
G 4 HOH 6  107 107 HOH HOH A . 
G 4 HOH 7  108 108 HOH HOH A . 
G 4 HOH 8  110 110 HOH HOH A . 
G 4 HOH 9  111 111 HOH HOH A . 
G 4 HOH 10 113 113 HOH HOH A . 
G 4 HOH 11 114 114 HOH HOH A . 
G 4 HOH 12 115 115 HOH HOH A . 
G 4 HOH 13 117 117 HOH HOH A . 
G 4 HOH 14 118 118 HOH HOH A . 
G 4 HOH 15 119 119 HOH HOH A . 
G 4 HOH 16 120 120 HOH HOH A . 
G 4 HOH 17 121 121 HOH HOH A . 
G 4 HOH 18 122 122 HOH HOH A . 
G 4 HOH 19 125 125 HOH HOH A . 
G 4 HOH 20 131 131 HOH HOH A . 
G 4 HOH 21 132 132 HOH HOH A . 
G 4 HOH 22 134 134 HOH HOH A . 
G 4 HOH 23 137 137 HOH HOH A . 
G 4 HOH 24 138 138 HOH HOH A . 
G 4 HOH 25 142 142 HOH HOH A . 
G 4 HOH 26 143 143 HOH HOH A . 
G 4 HOH 27 144 144 HOH HOH A . 
G 4 HOH 28 145 145 HOH HOH A . 
H 4 HOH 1  101 101 HOH HOH B . 
H 4 HOH 2  109 109 HOH HOH B . 
H 4 HOH 3  112 112 HOH HOH B . 
H 4 HOH 4  116 116 HOH HOH B . 
H 4 HOH 5  123 123 HOH HOH B . 
H 4 HOH 6  124 124 HOH HOH B . 
H 4 HOH 7  126 126 HOH HOH B . 
H 4 HOH 8  127 127 HOH HOH B . 
H 4 HOH 9  128 128 HOH HOH B . 
H 4 HOH 10 129 129 HOH HOH B . 
H 4 HOH 11 130 130 HOH HOH B . 
H 4 HOH 12 133 133 HOH HOH B . 
H 4 HOH 13 135 135 HOH HOH B . 
H 4 HOH 14 136 136 HOH HOH B . 
H 4 HOH 15 139 139 HOH HOH B . 
H 4 HOH 16 140 140 HOH HOH B . 
H 4 HOH 17 141 141 HOH HOH B . 
H 4 HOH 18 146 146 HOH HOH B . 
# 
loop_
_pdbx_struct_mod_residue.id 
_pdbx_struct_mod_residue.label_asym_id 
_pdbx_struct_mod_residue.label_comp_id 
_pdbx_struct_mod_residue.label_seq_id 
_pdbx_struct_mod_residue.auth_asym_id 
_pdbx_struct_mod_residue.auth_comp_id 
_pdbx_struct_mod_residue.auth_seq_id 
_pdbx_struct_mod_residue.PDB_ins_code 
_pdbx_struct_mod_residue.parent_comp_id 
_pdbx_struct_mod_residue.details 
1 A UCL 9 A UCL 9 ? DU ? 
2 B UCL 9 B UCL 9 ? DU ? 
# 
_pdbx_struct_assembly.id                   1 
_pdbx_struct_assembly.details              author_defined_assembly 
_pdbx_struct_assembly.method_details       ? 
_pdbx_struct_assembly.oligomeric_details   dimeric 
_pdbx_struct_assembly.oligomeric_count     2 
# 
_pdbx_struct_assembly_gen.assembly_id       1 
_pdbx_struct_assembly_gen.oper_expression   1 
_pdbx_struct_assembly_gen.asym_id_list      A,B,C,D,E,F,G,H 
# 
_pdbx_struct_oper_list.id                   1 
_pdbx_struct_oper_list.type                 'identity operation' 
_pdbx_struct_oper_list.name                 1_555 
_pdbx_struct_oper_list.symmetry_operation   x,y,z 
_pdbx_struct_oper_list.matrix[1][1]         1.0000000000 
_pdbx_struct_oper_list.matrix[1][2]         0.0000000000 
_pdbx_struct_oper_list.matrix[1][3]         0.0000000000 
_pdbx_struct_oper_list.vector[1]            0.0000000000 
_pdbx_struct_oper_list.matrix[2][1]         0.0000000000 
_pdbx_struct_oper_list.matrix[2][2]         1.0000000000 
_pdbx_struct_oper_list.matrix[2][3]         0.0000000000 
_pdbx_struct_oper_list.vector[2]            0.0000000000 
_pdbx_struct_oper_list.matrix[3][1]         0.0000000000 
_pdbx_struct_oper_list.matrix[3][2]         0.0000000000 
_pdbx_struct_oper_list.matrix[3][3]         1.0000000000 
_pdbx_struct_oper_list.vector[3]            0.0000000000 
# 
loop_
_pdbx_audit_revision_history.ordinal 
_pdbx_audit_revision_history.data_content_type 
_pdbx_audit_revision_history.major_revision 
_pdbx_audit_revision_history.minor_revision 
_pdbx_audit_revision_history.revision_date 
1 'Structure model' 1 0 2001-04-12 
2 'Structure model' 1 1 2008-04-27 
3 'Structure model' 1 2 2011-07-13 
4 'Structure model' 1 3 2017-10-04 
5 'Structure model' 1 4 2018-04-18 
6 'Structure model' 1 5 2023-08-09 
# 
_pdbx_audit_revision_details.ordinal             1 
_pdbx_audit_revision_details.revision_ordinal    1 
_pdbx_audit_revision_details.data_content_type   'Structure model' 
_pdbx_audit_revision_details.provider            repository 
_pdbx_audit_revision_details.type                'Initial release' 
_pdbx_audit_revision_details.description         ? 
_pdbx_audit_revision_details.details             ? 
# 
loop_
_pdbx_audit_revision_group.ordinal 
_pdbx_audit_revision_group.revision_ordinal 
_pdbx_audit_revision_group.data_content_type 
_pdbx_audit_revision_group.group 
1 2 'Structure model' 'Version format compliance' 
2 3 'Structure model' 'Version format compliance' 
3 4 'Structure model' 'Refinement description'    
4 5 'Structure model' 'Data collection'           
5 6 'Structure model' 'Data collection'           
6 6 'Structure model' 'Database references'       
7 6 'Structure model' 'Derived calculations'      
8 6 'Structure model' 'Refinement description'    
# 
loop_
_pdbx_audit_revision_category.ordinal 
_pdbx_audit_revision_category.revision_ordinal 
_pdbx_audit_revision_category.data_content_type 
_pdbx_audit_revision_category.category 
1 4 'Structure model' software                      
2 5 'Structure model' diffrn_detector               
3 6 'Structure model' chem_comp_atom                
4 6 'Structure model' chem_comp_bond                
5 6 'Structure model' database_2                    
6 6 'Structure model' pdbx_initial_refinement_model 
7 6 'Structure model' struct_conn                   
8 6 'Structure model' struct_site                   
# 
loop_
_pdbx_audit_revision_item.ordinal 
_pdbx_audit_revision_item.revision_ordinal 
_pdbx_audit_revision_item.data_content_type 
_pdbx_audit_revision_item.item 
1 4 'Structure model' '_software.name'                      
2 5 'Structure model' '_diffrn_detector.detector'           
3 6 'Structure model' '_database_2.pdbx_DOI'                
4 6 'Structure model' '_database_2.pdbx_database_accession' 
5 6 'Structure model' '_struct_conn.pdbx_leaving_atom_flag' 
6 6 'Structure model' '_struct_site.pdbx_auth_asym_id'      
7 6 'Structure model' '_struct_site.pdbx_auth_comp_id'      
8 6 'Structure model' '_struct_site.pdbx_auth_seq_id'       
# 
loop_
_software.name 
_software.classification 
_software.version 
_software.citation_id 
_software.pdbx_ordinal 
MADNESS   'data collection' .           ? 1 
ROTAVATA  'data reduction'  .           ? 2 
AMoRE     phasing           .           ? 3 
SHELXL-97 refinement        .           ? 4 
MADNESS   'data reduction'  .           ? 5 
CCP4      'data scaling'    '(AGROVATA' ? 6 
ROTAVATA  'data scaling'    .           ? 7 
# 
loop_
_pdbx_validate_rmsd_angle.id 
_pdbx_validate_rmsd_angle.PDB_model_num 
_pdbx_validate_rmsd_angle.auth_atom_id_1 
_pdbx_validate_rmsd_angle.auth_asym_id_1 
_pdbx_validate_rmsd_angle.auth_comp_id_1 
_pdbx_validate_rmsd_angle.auth_seq_id_1 
_pdbx_validate_rmsd_angle.PDB_ins_code_1 
_pdbx_validate_rmsd_angle.label_alt_id_1 
_pdbx_validate_rmsd_angle.auth_atom_id_2 
_pdbx_validate_rmsd_angle.auth_asym_id_2 
_pdbx_validate_rmsd_angle.auth_comp_id_2 
_pdbx_validate_rmsd_angle.auth_seq_id_2 
_pdbx_validate_rmsd_angle.PDB_ins_code_2 
_pdbx_validate_rmsd_angle.label_alt_id_2 
_pdbx_validate_rmsd_angle.auth_atom_id_3 
_pdbx_validate_rmsd_angle.auth_asym_id_3 
_pdbx_validate_rmsd_angle.auth_comp_id_3 
_pdbx_validate_rmsd_angle.auth_seq_id_3 
_pdbx_validate_rmsd_angle.PDB_ins_code_3 
_pdbx_validate_rmsd_angle.label_alt_id_3 
_pdbx_validate_rmsd_angle.angle_value 
_pdbx_validate_rmsd_angle.angle_target_value 
_pdbx_validate_rmsd_angle.angle_deviation 
_pdbx_validate_rmsd_angle.angle_standard_deviation 
_pdbx_validate_rmsd_angle.linker_flag 
1  1 C6    A G 1 ? ? N1    A G   1 ? ? C2    A G   1 ? ? 121.46 125.10 -3.64  0.60 N 
2  1 N1    A U 3 ? ? C2    A U   3 ? ? N3    A U   3 ? ? 119.05 114.90 4.15   0.60 N 
3  1 C2    A U 3 ? ? N3    A U   3 ? ? C4    A U   3 ? ? 122.28 127.00 -4.72  0.60 N 
4  1 C5    A U 3 ? ? C4    A U   3 ? ? O4    A U   3 ? ? 121.97 125.90 -3.93  0.60 N 
5  1 C5    A U 4 ? ? C4    A U   4 ? ? O4    A U   4 ? ? 120.97 125.90 -4.93  0.60 N 
6  1 N3    A C 5 ? ? C4    A C   5 ? ? C5    A C   5 ? ? 119.50 121.90 -2.40  0.40 N 
7  1 C5    A G 6 ? ? C6    A G   6 ? ? N1    A G   6 ? ? 114.52 111.50 3.02   0.50 N 
8  1 "O5'" A G 7 ? ? "C5'" A G   7 ? ? "C4'" A G   7 ? ? 103.17 109.40 -6.23  0.80 N 
9  1 C6    B G 1 ? ? N1    B G   1 ? ? C2    B G   1 ? ? 120.29 125.10 -4.81  0.60 N 
10 1 N1    B G 1 ? ? C6    B G   1 ? ? O6    B G   1 ? ? 115.80 119.90 -4.10  0.60 N 
11 1 C5    B U 3 ? ? C4    B U   3 ? ? O4    B U   3 ? ? 121.56 125.90 -4.34  0.60 N 
12 1 C2    B U 4 ? ? N3    B U   4 ? ? C4    B U   4 ? ? 122.75 127.00 -4.25  0.60 N 
13 1 "O5'" B G 6 ? ? "C5'" B G   6 ? ? "C4'" B G   6 ? ? 103.25 109.40 -6.15  0.80 N 
14 1 "O4'" B C 8 ? ? "C1'" B C   8 ? ? N1    B C   8 ? ? 101.78 108.20 -6.42  0.80 N 
15 1 "C3'" B C 8 ? ? "O3'" B C   8 ? ? P     B UCL 9 ? A 107.31 119.70 -12.39 1.20 Y 
16 1 "C3'" B C 8 ? ? "O3'" B C   8 ? ? P     B UCL 9 ? B 111.11 119.70 -8.59  1.20 Y 
17 1 "O3'" B C 8 ? ? P     B UCL 9 ? A "O5'" B UCL 9 ? A 121.68 104.00 17.68  1.90 Y 
18 1 "O3'" B C 8 ? ? P     B UCL 9 ? B "O5'" B UCL 9 ? B 116.75 104.00 12.75  1.90 Y 
# 
_pdbx_validate_chiral.id              1 
_pdbx_validate_chiral.PDB_model_num   1 
_pdbx_validate_chiral.auth_atom_id    "C4'" 
_pdbx_validate_chiral.label_alt_id    B 
_pdbx_validate_chiral.auth_asym_id    B 
_pdbx_validate_chiral.auth_comp_id    UCL 
_pdbx_validate_chiral.auth_seq_id     9 
_pdbx_validate_chiral.PDB_ins_code    ? 
_pdbx_validate_chiral.details         PLANAR 
_pdbx_validate_chiral.omega           . 
# 
loop_
_chem_comp_atom.comp_id 
_chem_comp_atom.atom_id 
_chem_comp_atom.type_symbol 
_chem_comp_atom.pdbx_aromatic_flag 
_chem_comp_atom.pdbx_stereo_config 
_chem_comp_atom.pdbx_ordinal 
C   OP3    O  N N 1   
C   P      P  N N 2   
C   OP1    O  N N 3   
C   OP2    O  N N 4   
C   "O5'"  O  N N 5   
C   "C5'"  C  N N 6   
C   "C4'"  C  N R 7   
C   "O4'"  O  N N 8   
C   "C3'"  C  N S 9   
C   "O3'"  O  N N 10  
C   "C2'"  C  N R 11  
C   "O2'"  O  N N 12  
C   "C1'"  C  N R 13  
C   N1     N  N N 14  
C   C2     C  N N 15  
C   O2     O  N N 16  
C   N3     N  N N 17  
C   C4     C  N N 18  
C   N4     N  N N 19  
C   C5     C  N N 20  
C   C6     C  N N 21  
C   HOP3   H  N N 22  
C   HOP2   H  N N 23  
C   "H5'"  H  N N 24  
C   "H5''" H  N N 25  
C   "H4'"  H  N N 26  
C   "H3'"  H  N N 27  
C   "HO3'" H  N N 28  
C   "H2'"  H  N N 29  
C   "HO2'" H  N N 30  
C   "H1'"  H  N N 31  
C   H41    H  N N 32  
C   H42    H  N N 33  
C   H5     H  N N 34  
C   H6     H  N N 35  
CL  CL     CL N N 36  
G   OP3    O  N N 37  
G   P      P  N N 38  
G   OP1    O  N N 39  
G   OP2    O  N N 40  
G   "O5'"  O  N N 41  
G   "C5'"  C  N N 42  
G   "C4'"  C  N R 43  
G   "O4'"  O  N N 44  
G   "C3'"  C  N S 45  
G   "O3'"  O  N N 46  
G   "C2'"  C  N R 47  
G   "O2'"  O  N N 48  
G   "C1'"  C  N R 49  
G   N9     N  Y N 50  
G   C8     C  Y N 51  
G   N7     N  Y N 52  
G   C5     C  Y N 53  
G   C6     C  N N 54  
G   O6     O  N N 55  
G   N1     N  N N 56  
G   C2     C  N N 57  
G   N2     N  N N 58  
G   N3     N  N N 59  
G   C4     C  Y N 60  
G   HOP3   H  N N 61  
G   HOP2   H  N N 62  
G   "H5'"  H  N N 63  
G   "H5''" H  N N 64  
G   "H4'"  H  N N 65  
G   "H3'"  H  N N 66  
G   "HO3'" H  N N 67  
G   "H2'"  H  N N 68  
G   "HO2'" H  N N 69  
G   "H1'"  H  N N 70  
G   H8     H  N N 71  
G   H1     H  N N 72  
G   H21    H  N N 73  
G   H22    H  N N 74  
HOH O      O  N N 75  
HOH H1     H  N N 76  
HOH H2     H  N N 77  
RHD RH     RH N N 78  
RHD N1     N  N N 79  
RHD N2     N  N N 80  
RHD N3     N  N N 81  
RHD N4     N  N N 82  
RHD N5     N  N N 83  
RHD N6     N  N N 84  
RHD HN11   H  N N 85  
RHD HN12   H  N N 86  
RHD HN13   H  N N 87  
RHD HN21   H  N N 88  
RHD HN22   H  N N 89  
RHD HN23   H  N N 90  
RHD HN31   H  N N 91  
RHD HN32   H  N N 92  
RHD HN33   H  N N 93  
RHD HN41   H  N N 94  
RHD HN42   H  N N 95  
RHD HN43   H  N N 96  
RHD HN51   H  N N 97  
RHD HN52   H  N N 98  
RHD HN53   H  N N 99  
RHD HN61   H  N N 100 
RHD HN62   H  N N 101 
RHD HN63   H  N N 102 
U   OP3    O  N N 103 
U   P      P  N N 104 
U   OP1    O  N N 105 
U   OP2    O  N N 106 
U   "O5'"  O  N N 107 
U   "C5'"  C  N N 108 
U   "C4'"  C  N R 109 
U   "O4'"  O  N N 110 
U   "C3'"  C  N S 111 
U   "O3'"  O  N N 112 
U   "C2'"  C  N R 113 
U   "O2'"  O  N N 114 
U   "C1'"  C  N R 115 
U   N1     N  N N 116 
U   C2     C  N N 117 
U   O2     O  N N 118 
U   N3     N  N N 119 
U   C4     C  N N 120 
U   O4     O  N N 121 
U   C5     C  N N 122 
U   C6     C  N N 123 
U   HOP3   H  N N 124 
U   HOP2   H  N N 125 
U   "H5'"  H  N N 126 
U   "H5''" H  N N 127 
U   "H4'"  H  N N 128 
U   "H3'"  H  N N 129 
U   "HO3'" H  N N 130 
U   "H2'"  H  N N 131 
U   "HO2'" H  N N 132 
U   "H1'"  H  N N 133 
U   H3     H  N N 134 
U   H5     H  N N 135 
U   H6     H  N N 136 
UCL O3P    O  N N 137 
UCL P      P  N N 138 
UCL O1P    O  N N 139 
UCL O2P    O  N N 140 
UCL "O5'"  O  N N 141 
UCL "C5'"  C  N N 142 
UCL "C4'"  C  N R 143 
UCL "O4'"  O  N N 144 
UCL "C3'"  C  N S 145 
UCL "O3'"  O  N N 146 
UCL "C2'"  C  N N 147 
UCL "C1'"  C  N R 148 
UCL N1     N  N N 149 
UCL C2     C  N N 150 
UCL O2     O  N N 151 
UCL N3     N  N N 152 
UCL C4     C  N N 153 
UCL O4     O  N N 154 
UCL C5     C  N N 155 
UCL C6     C  N N 156 
UCL CL     CL N N 157 
UCL HO1P   H  N N 158 
UCL HO2P   H  N N 159 
UCL "H5'1" H  N N 160 
UCL "H5'2" H  N N 161 
UCL "H4'"  H  N N 162 
UCL "H3'"  H  N N 163 
UCL "HO3'" H  N N 164 
UCL "H2'1" H  N N 165 
UCL "H2'2" H  N N 166 
UCL "H1'"  H  N N 167 
UCL HN3    H  N N 168 
UCL H6     H  N N 169 
# 
loop_
_chem_comp_bond.comp_id 
_chem_comp_bond.atom_id_1 
_chem_comp_bond.atom_id_2 
_chem_comp_bond.value_order 
_chem_comp_bond.pdbx_aromatic_flag 
_chem_comp_bond.pdbx_stereo_config 
_chem_comp_bond.pdbx_ordinal 
C   OP3   P      sing N N 1   
C   OP3   HOP3   sing N N 2   
C   P     OP1    doub N N 3   
C   P     OP2    sing N N 4   
C   P     "O5'"  sing N N 5   
C   OP2   HOP2   sing N N 6   
C   "O5'" "C5'"  sing N N 7   
C   "C5'" "C4'"  sing N N 8   
C   "C5'" "H5'"  sing N N 9   
C   "C5'" "H5''" sing N N 10  
C   "C4'" "O4'"  sing N N 11  
C   "C4'" "C3'"  sing N N 12  
C   "C4'" "H4'"  sing N N 13  
C   "O4'" "C1'"  sing N N 14  
C   "C3'" "O3'"  sing N N 15  
C   "C3'" "C2'"  sing N N 16  
C   "C3'" "H3'"  sing N N 17  
C   "O3'" "HO3'" sing N N 18  
C   "C2'" "O2'"  sing N N 19  
C   "C2'" "C1'"  sing N N 20  
C   "C2'" "H2'"  sing N N 21  
C   "O2'" "HO2'" sing N N 22  
C   "C1'" N1     sing N N 23  
C   "C1'" "H1'"  sing N N 24  
C   N1    C2     sing N N 25  
C   N1    C6     sing N N 26  
C   C2    O2     doub N N 27  
C   C2    N3     sing N N 28  
C   N3    C4     doub N N 29  
C   C4    N4     sing N N 30  
C   C4    C5     sing N N 31  
C   N4    H41    sing N N 32  
C   N4    H42    sing N N 33  
C   C5    C6     doub N N 34  
C   C5    H5     sing N N 35  
C   C6    H6     sing N N 36  
G   OP3   P      sing N N 37  
G   OP3   HOP3   sing N N 38  
G   P     OP1    doub N N 39  
G   P     OP2    sing N N 40  
G   P     "O5'"  sing N N 41  
G   OP2   HOP2   sing N N 42  
G   "O5'" "C5'"  sing N N 43  
G   "C5'" "C4'"  sing N N 44  
G   "C5'" "H5'"  sing N N 45  
G   "C5'" "H5''" sing N N 46  
G   "C4'" "O4'"  sing N N 47  
G   "C4'" "C3'"  sing N N 48  
G   "C4'" "H4'"  sing N N 49  
G   "O4'" "C1'"  sing N N 50  
G   "C3'" "O3'"  sing N N 51  
G   "C3'" "C2'"  sing N N 52  
G   "C3'" "H3'"  sing N N 53  
G   "O3'" "HO3'" sing N N 54  
G   "C2'" "O2'"  sing N N 55  
G   "C2'" "C1'"  sing N N 56  
G   "C2'" "H2'"  sing N N 57  
G   "O2'" "HO2'" sing N N 58  
G   "C1'" N9     sing N N 59  
G   "C1'" "H1'"  sing N N 60  
G   N9    C8     sing Y N 61  
G   N9    C4     sing Y N 62  
G   C8    N7     doub Y N 63  
G   C8    H8     sing N N 64  
G   N7    C5     sing Y N 65  
G   C5    C6     sing N N 66  
G   C5    C4     doub Y N 67  
G   C6    O6     doub N N 68  
G   C6    N1     sing N N 69  
G   N1    C2     sing N N 70  
G   N1    H1     sing N N 71  
G   C2    N2     sing N N 72  
G   C2    N3     doub N N 73  
G   N2    H21    sing N N 74  
G   N2    H22    sing N N 75  
G   N3    C4     sing N N 76  
HOH O     H1     sing N N 77  
HOH O     H2     sing N N 78  
RHD RH    N1     sing N N 79  
RHD RH    N2     sing N N 80  
RHD RH    N3     sing N N 81  
RHD RH    N4     sing N N 82  
RHD RH    N5     sing N N 83  
RHD RH    N6     sing N N 84  
RHD N1    HN11   sing N N 85  
RHD N1    HN12   sing N N 86  
RHD N1    HN13   sing N N 87  
RHD N2    HN21   sing N N 88  
RHD N2    HN22   sing N N 89  
RHD N2    HN23   sing N N 90  
RHD N3    HN31   sing N N 91  
RHD N3    HN32   sing N N 92  
RHD N3    HN33   sing N N 93  
RHD N4    HN41   sing N N 94  
RHD N4    HN42   sing N N 95  
RHD N4    HN43   sing N N 96  
RHD N5    HN51   sing N N 97  
RHD N5    HN52   sing N N 98  
RHD N5    HN53   sing N N 99  
RHD N6    HN61   sing N N 100 
RHD N6    HN62   sing N N 101 
RHD N6    HN63   sing N N 102 
U   OP3   P      sing N N 103 
U   OP3   HOP3   sing N N 104 
U   P     OP1    doub N N 105 
U   P     OP2    sing N N 106 
U   P     "O5'"  sing N N 107 
U   OP2   HOP2   sing N N 108 
U   "O5'" "C5'"  sing N N 109 
U   "C5'" "C4'"  sing N N 110 
U   "C5'" "H5'"  sing N N 111 
U   "C5'" "H5''" sing N N 112 
U   "C4'" "O4'"  sing N N 113 
U   "C4'" "C3'"  sing N N 114 
U   "C4'" "H4'"  sing N N 115 
U   "O4'" "C1'"  sing N N 116 
U   "C3'" "O3'"  sing N N 117 
U   "C3'" "C2'"  sing N N 118 
U   "C3'" "H3'"  sing N N 119 
U   "O3'" "HO3'" sing N N 120 
U   "C2'" "O2'"  sing N N 121 
U   "C2'" "C1'"  sing N N 122 
U   "C2'" "H2'"  sing N N 123 
U   "O2'" "HO2'" sing N N 124 
U   "C1'" N1     sing N N 125 
U   "C1'" "H1'"  sing N N 126 
U   N1    C2     sing N N 127 
U   N1    C6     sing N N 128 
U   C2    O2     doub N N 129 
U   C2    N3     sing N N 130 
U   N3    C4     sing N N 131 
U   N3    H3     sing N N 132 
U   C4    O4     doub N N 133 
U   C4    C5     sing N N 134 
U   C5    C6     doub N N 135 
U   C5    H5     sing N N 136 
U   C6    H6     sing N N 137 
UCL O3P   P      doub N N 138 
UCL P     O1P    sing N N 139 
UCL P     O2P    sing N N 140 
UCL P     "O5'"  sing N N 141 
UCL O1P   HO1P   sing N N 142 
UCL O2P   HO2P   sing N N 143 
UCL "O5'" "C5'"  sing N N 144 
UCL "C5'" "C4'"  sing N N 145 
UCL "C5'" "H5'1" sing N N 146 
UCL "C5'" "H5'2" sing N N 147 
UCL "C4'" "O4'"  sing N N 148 
UCL "C4'" "C3'"  sing N N 149 
UCL "C4'" "H4'"  sing N N 150 
UCL "O4'" "C1'"  sing N N 151 
UCL "C3'" "O3'"  sing N N 152 
UCL "C3'" "C2'"  sing N N 153 
UCL "C3'" "H3'"  sing N N 154 
UCL "O3'" "HO3'" sing N N 155 
UCL "C2'" "C1'"  sing N N 156 
UCL "C2'" "H2'1" sing N N 157 
UCL "C2'" "H2'2" sing N N 158 
UCL "C1'" N1     sing N N 159 
UCL "C1'" "H1'"  sing N N 160 
UCL N1    C2     sing N N 161 
UCL N1    C6     sing N N 162 
UCL C2    O2     doub N N 163 
UCL C2    N3     sing N N 164 
UCL N3    C4     sing N N 165 
UCL N3    HN3    sing N N 166 
UCL C4    O4     doub N N 167 
UCL C4    C5     sing N N 168 
UCL C5    C6     doub N N 169 
UCL C5    CL     sing N N 170 
UCL C6    H6     sing N N 171 
# 
loop_
_ndb_struct_conf_na.entry_id 
_ndb_struct_conf_na.feature 
1IDW 'double helix'         
1IDW 'a-form double helix'  
1IDW 'mismatched base pair' 
# 
loop_
_ndb_struct_na_base_pair.model_number 
_ndb_struct_na_base_pair.i_label_asym_id 
_ndb_struct_na_base_pair.i_label_comp_id 
_ndb_struct_na_base_pair.i_label_seq_id 
_ndb_struct_na_base_pair.i_symmetry 
_ndb_struct_na_base_pair.j_label_asym_id 
_ndb_struct_na_base_pair.j_label_comp_id 
_ndb_struct_na_base_pair.j_label_seq_id 
_ndb_struct_na_base_pair.j_symmetry 
_ndb_struct_na_base_pair.shear 
_ndb_struct_na_base_pair.stretch 
_ndb_struct_na_base_pair.stagger 
_ndb_struct_na_base_pair.buckle 
_ndb_struct_na_base_pair.propeller 
_ndb_struct_na_base_pair.opening 
_ndb_struct_na_base_pair.pair_number 
_ndb_struct_na_base_pair.pair_name 
_ndb_struct_na_base_pair.i_auth_asym_id 
_ndb_struct_na_base_pair.i_auth_seq_id 
_ndb_struct_na_base_pair.i_PDB_ins_code 
_ndb_struct_na_base_pair.j_auth_asym_id 
_ndb_struct_na_base_pair.j_auth_seq_id 
_ndb_struct_na_base_pair.j_PDB_ins_code 
_ndb_struct_na_base_pair.hbond_type_28 
_ndb_struct_na_base_pair.hbond_type_12 
1 A G 1 1_555 B C 8 1_555 -0.689 -0.341 0.220  0.213  -7.216  -3.177  1 A_G1:C8_B A 1 ? B 8 ? 19 1 
1 A C 2 1_555 B G 7 1_555 0.123  -0.139 -0.027 3.982  -13.355 -1.020  2 A_C2:G7_B A 2 ? B 7 ? 19 1 
1 A U 3 1_555 B G 6 1_555 2.396  -0.531 0.168  0.295  -8.164  -1.163  3 A_U3:G6_B A 3 ? B 6 ? 28 ? 
1 A U 4 1_555 B C 5 1_555 -0.552 0.232  0.004  2.194  0.772   -43.178 4 A_U4:C5_B A 4 ? B 5 ? ?  ? 
1 A C 5 1_555 B U 4 1_555 0.664  0.070  -0.444 7.951  -4.351  -40.763 5 A_C5:U4_B A 5 ? B 4 ? ?  ? 
1 A G 6 1_555 B U 3 1_555 -2.353 -0.576 -0.282 -1.934 -11.060 -1.535  6 A_G6:U3_B A 6 ? B 3 ? 28 ? 
1 A G 7 1_555 B C 2 1_555 -0.268 -0.175 -0.043 -5.396 -11.113 -1.176  7 A_G7:C2_B A 7 ? B 2 ? 19 1 
1 A C 8 1_555 B G 1 1_555 0.307  -0.147 0.279  -4.870 -5.215  -0.551  8 A_C8:G1_B A 8 ? B 1 ? 19 1 
# 
loop_
_ndb_struct_na_base_pair_step.model_number 
_ndb_struct_na_base_pair_step.i_label_asym_id_1 
_ndb_struct_na_base_pair_step.i_label_comp_id_1 
_ndb_struct_na_base_pair_step.i_label_seq_id_1 
_ndb_struct_na_base_pair_step.i_symmetry_1 
_ndb_struct_na_base_pair_step.j_label_asym_id_1 
_ndb_struct_na_base_pair_step.j_label_comp_id_1 
_ndb_struct_na_base_pair_step.j_label_seq_id_1 
_ndb_struct_na_base_pair_step.j_symmetry_1 
_ndb_struct_na_base_pair_step.i_label_asym_id_2 
_ndb_struct_na_base_pair_step.i_label_comp_id_2 
_ndb_struct_na_base_pair_step.i_label_seq_id_2 
_ndb_struct_na_base_pair_step.i_symmetry_2 
_ndb_struct_na_base_pair_step.j_label_asym_id_2 
_ndb_struct_na_base_pair_step.j_label_comp_id_2 
_ndb_struct_na_base_pair_step.j_label_seq_id_2 
_ndb_struct_na_base_pair_step.j_symmetry_2 
_ndb_struct_na_base_pair_step.shift 
_ndb_struct_na_base_pair_step.slide 
_ndb_struct_na_base_pair_step.rise 
_ndb_struct_na_base_pair_step.tilt 
_ndb_struct_na_base_pair_step.roll 
_ndb_struct_na_base_pair_step.twist 
_ndb_struct_na_base_pair_step.x_displacement 
_ndb_struct_na_base_pair_step.y_displacement 
_ndb_struct_na_base_pair_step.helical_rise 
_ndb_struct_na_base_pair_step.inclination 
_ndb_struct_na_base_pair_step.tip 
_ndb_struct_na_base_pair_step.helical_twist 
_ndb_struct_na_base_pair_step.step_number 
_ndb_struct_na_base_pair_step.step_name 
_ndb_struct_na_base_pair_step.i_auth_asym_id_1 
_ndb_struct_na_base_pair_step.i_auth_seq_id_1 
_ndb_struct_na_base_pair_step.i_PDB_ins_code_1 
_ndb_struct_na_base_pair_step.j_auth_asym_id_1 
_ndb_struct_na_base_pair_step.j_auth_seq_id_1 
_ndb_struct_na_base_pair_step.j_PDB_ins_code_1 
_ndb_struct_na_base_pair_step.i_auth_asym_id_2 
_ndb_struct_na_base_pair_step.i_auth_seq_id_2 
_ndb_struct_na_base_pair_step.i_PDB_ins_code_2 
_ndb_struct_na_base_pair_step.j_auth_asym_id_2 
_ndb_struct_na_base_pair_step.j_auth_seq_id_2 
_ndb_struct_na_base_pair_step.j_PDB_ins_code_2 
1 A G 1 1_555 B C 8 1_555 A C 2 1_555 B G 7 1_555 -0.127 -1.818 3.248 0.335  1.211  35.904 -3.117 0.252  3.186 1.964  -0.543 
35.926 1 AA_G1C2:G7C8_BB A 1 ? B 8 ? A 2 ? B 7 ? 
1 A C 2 1_555 B G 7 1_555 A U 3 1_555 B G 6 1_555 0.071  -1.349 3.481 0.271  6.855  40.496 -2.693 -0.071 3.221 9.818  -0.388 
41.049 2 AA_C2U3:G6G7_BB A 2 ? B 7 ? A 3 ? B 6 ? 
1 A U 3 1_555 B G 6 1_555 A U 4 1_555 B C 5 1_555 -4.109 -1.956 3.289 -3.710 4.106  19.658 -7.466 9.833  3.518 11.728 10.597 
20.414 3 AA_U3U4:C5G6_BB A 3 ? B 6 ? A 4 ? B 5 ? 
1 A U 4 1_555 B C 5 1_555 A C 5 1_555 B U 4 1_555 -0.095 -1.892 3.481 1.290  8.582  38.045 -3.876 0.298  2.996 12.959 -1.948 
38.987 4 AA_U4C5:U4C5_BB A 4 ? B 5 ? A 5 ? B 4 ? 
1 A C 5 1_555 B U 4 1_555 A G 6 1_555 B U 3 1_555 3.175  -1.532 3.612 -0.842 11.833 24.663 -6.145 -6.926 2.516 25.875 1.841  
27.328 5 AA_C5G6:U3U4_BB A 5 ? B 4 ? A 6 ? B 3 ? 
1 A G 6 1_555 B U 3 1_555 A G 7 1_555 B C 2 1_555 0.200  -1.625 3.444 -3.719 4.609  39.317 -2.939 -0.737 3.210 6.803  5.489  
39.743 6 AA_G6G7:C2U3_BB A 6 ? B 3 ? A 7 ? B 2 ? 
1 A G 7 1_555 B C 2 1_555 A C 8 1_555 B G 1 1_555 0.199  -1.910 3.380 -0.201 0.250  34.826 -3.230 -0.364 3.365 0.417  0.336  
34.828 7 AA_G7C8:G1C2_BB A 7 ? B 2 ? A 8 ? B 1 ? 
# 
loop_
_pdbx_entity_nonpoly.entity_id 
_pdbx_entity_nonpoly.name 
_pdbx_entity_nonpoly.comp_id 
2 'RHODIUM HEXAMINE ION' RHD 
3 'CHLORIDE ION'         CL  
4 water                  HOH 
# 
_pdbx_initial_refinement_model.id               1 
_pdbx_initial_refinement_model.entity_id_list   ? 
_pdbx_initial_refinement_model.type             'experimental model' 
_pdbx_initial_refinement_model.source_name      PDB 
_pdbx_initial_refinement_model.accession_code   165D 
_pdbx_initial_refinement_model.details          'PDB ENTRY 165D' 
# 
